data_9MHS
#
_entry.id   9MHS
#
_cell.length_a   179.902
_cell.length_b   76.253
_cell.length_c   106.429
_cell.angle_alpha   90.00
_cell.angle_beta   111.68
_cell.angle_gamma   90.00
#
_symmetry.space_group_name_H-M   'C 1 2 1'
#
loop_
_entity.id
_entity.type
_entity.pdbx_description
1 polymer 'Drimenol Synthase'
2 non-polymer 'PHOSPHATE ION'
3 non-polymer GLYCEROL
4 non-polymer N-benzyl-N,N-diethylethanaminium
5 non-polymer 'MAGNESIUM ION'
6 non-polymer DI(HYDROXYETHYL)ETHER
7 water water
#
_entity_poly.entity_id   1
_entity_poly.type   'polypeptide(L)'
_entity_poly.pdbx_seq_one_letter_code
;NQNNMKEVLTPELITSLQELSQILDRYDTIVFDLGDVLLHWDSVHFTSETKGIDDVRKMVKHPVWQDLEKGLINQEFALT
ALSCELETPCSKLKEMLELSIASLQVNPLMVEVLRVLHKKDKQIYCLSNVDLESFSYLYKQFDFWKYFDGIYVSALLQLR
KPNPDIFQYLISSASINTKSTIFIDDKSENLQEAANFGISTLKYNKDNFEYTAIEGGWPIPLQNMTPEIHKKRTLGEDYL
NLRLRKFPFCKSFVSNNVELIGGEDFSKEIFSTAVILHSYTSLPDDIIASMCHEILNHDGQNKLRWCFYKNEARPDNFPD
DLDTTSMVLSFLLNHNKLTIEKIIPVAEQMIANRNEEGIIQVYFDDNRPRIDAIVAINVLYLMHQIGYGERKELKETEAF
VFDFLISKEYLKGTRYYPAPDVFLFFLSRLVVDFPDQFEKFHKPLTEMLITRVNCSTFPLERALRIIALKKLGIVNRVDF
LKLLDTQLADGGWPVYGLFIAPRSNTYFGSRELSTAFALEALHILS
;
_entity_poly.pdbx_strand_id   B,A
#
loop_
_chem_comp.id
_chem_comp.type
_chem_comp.name
_chem_comp.formula
BTM non-polymer N-benzyl-N,N-diethylethanaminium 'C13 H22 N 1'
GOL non-polymer GLYCEROL 'C3 H8 O3'
MG non-polymer 'MAGNESIUM ION' 'Mg 2'
PEG non-polymer DI(HYDROXYETHYL)ETHER 'C4 H10 O3'
PO4 non-polymer 'PHOSPHATE ION' 'O4 P -3'
#
# COMPACT_ATOMS: atom_id res chain seq x y z
N PRO A 11 15.90 29.45 30.49
CA PRO A 11 16.53 30.36 31.46
C PRO A 11 16.08 31.81 31.37
N GLU A 12 16.13 32.47 30.22
CA GLU A 12 15.73 33.87 30.16
C GLU A 12 14.20 33.93 30.14
N LEU A 13 13.60 34.24 31.29
CA LEU A 13 12.16 34.30 31.38
C LEU A 13 11.68 35.65 30.86
N ILE A 14 10.70 35.63 29.95
CA ILE A 14 10.20 36.82 29.28
C ILE A 14 8.71 36.94 29.55
N THR A 15 8.29 38.11 30.06
CA THR A 15 6.89 38.42 30.28
C THR A 15 6.38 39.57 29.43
N SER A 16 7.26 40.26 28.71
CA SER A 16 6.87 41.44 27.93
C SER A 16 6.66 41.06 26.47
N LEU A 17 5.43 41.25 25.98
CA LEU A 17 5.18 41.02 24.56
C LEU A 17 6.12 41.84 23.69
N GLN A 18 6.47 43.05 24.15
CA GLN A 18 7.46 43.86 23.42
C GLN A 18 8.81 43.18 23.42
N GLU A 19 9.26 42.70 24.59
CA GLU A 19 10.55 42.04 24.68
C GLU A 19 10.57 40.79 23.82
N LEU A 20 9.46 40.06 23.78
CA LEU A 20 9.35 38.89 22.90
C LEU A 20 9.61 39.29 21.45
N SER A 21 8.93 40.34 20.98
CA SER A 21 9.11 40.78 19.61
C SER A 21 10.56 41.13 19.32
N GLN A 22 11.23 41.73 20.30
CA GLN A 22 12.62 42.15 20.11
C GLN A 22 13.55 40.93 20.02
N ILE A 23 13.22 39.84 20.69
CA ILE A 23 14.08 38.67 20.63
C ILE A 23 13.87 37.92 19.32
N LEU A 24 12.62 37.76 18.91
CA LEU A 24 12.33 37.07 17.66
C LEU A 24 12.96 37.80 16.48
N ASP A 25 13.01 39.13 16.56
CA ASP A 25 13.64 39.92 15.51
C ASP A 25 15.12 39.61 15.38
N ARG A 26 15.75 39.08 16.42
CA ARG A 26 17.17 38.76 16.32
C ARG A 26 17.44 37.53 15.48
N TYR A 27 16.42 36.90 14.89
CA TYR A 27 16.57 35.64 14.17
C TYR A 27 16.08 35.77 12.74
N ASP A 28 16.66 34.97 11.85
CA ASP A 28 16.25 34.96 10.46
C ASP A 28 15.12 33.97 10.21
N THR A 29 15.06 32.90 10.99
CA THR A 29 14.05 31.86 10.82
C THR A 29 13.34 31.61 12.14
N ILE A 30 12.02 31.62 12.09
CA ILE A 30 11.18 31.30 13.24
C ILE A 30 10.34 30.10 12.87
N VAL A 31 10.37 29.07 13.71
CA VAL A 31 9.53 27.90 13.54
C VAL A 31 8.42 27.97 14.58
N PHE A 32 7.18 27.84 14.11
CA PHE A 32 5.99 27.89 14.94
C PHE A 32 5.38 26.50 15.07
N ASP A 33 4.98 26.16 16.28
CA ASP A 33 4.07 25.08 16.57
C ASP A 33 2.62 25.53 16.35
N LEU A 34 1.73 24.56 16.13
CA LEU A 34 0.30 24.86 16.11
C LEU A 34 -0.34 24.70 17.49
N GLY A 35 -0.29 23.48 18.04
CA GLY A 35 -1.13 23.12 19.17
C GLY A 35 -0.73 23.87 20.43
N ASP A 36 -1.67 24.60 21.02
CA ASP A 36 -1.46 25.38 22.24
C ASP A 36 -0.37 26.44 22.06
N VAL A 37 -0.21 26.91 20.81
CA VAL A 37 0.64 28.06 20.49
C VAL A 37 -0.14 29.02 19.60
N LEU A 38 -0.55 28.56 18.42
CA LEU A 38 -1.41 29.37 17.56
C LEU A 38 -2.89 29.02 17.71
N LEU A 39 -3.20 27.79 18.08
CA LEU A 39 -4.57 27.34 18.27
C LEU A 39 -4.72 26.77 19.68
N HIS A 40 -5.93 26.87 20.21
CA HIS A 40 -6.23 26.35 21.53
C HIS A 40 -7.62 25.71 21.49
N TRP A 41 -7.86 24.78 22.42
CA TRP A 41 -9.00 23.88 22.35
C TRP A 41 -9.27 23.32 23.74
N ASP A 42 -10.44 22.71 23.90
CA ASP A 42 -10.76 22.02 25.15
C ASP A 42 -11.05 20.56 24.89
N SER A 43 -10.99 19.77 25.97
CA SER A 43 -10.88 18.33 25.86
C SER A 43 -11.88 17.53 26.69
N VAL A 44 -12.54 18.13 27.68
CA VAL A 44 -13.53 17.43 28.50
C VAL A 44 -14.92 17.81 28.00
N HIS A 45 -15.67 16.83 27.52
CA HIS A 45 -17.00 17.09 26.97
C HIS A 45 -18.06 16.25 27.67
N LYS A 51 -20.86 6.98 29.57
CA LYS A 51 -20.38 5.66 29.15
C LYS A 51 -19.06 5.76 28.37
N GLY A 52 -17.97 5.41 29.03
CA GLY A 52 -16.64 5.53 28.45
C GLY A 52 -15.90 6.75 28.97
N ILE A 53 -14.84 7.13 28.22
CA ILE A 53 -14.00 8.24 28.62
C ILE A 53 -14.70 9.57 28.38
N ASP A 54 -14.25 10.61 29.10
CA ASP A 54 -14.78 11.95 28.97
C ASP A 54 -13.69 12.99 28.73
N ASP A 55 -12.49 12.56 28.34
CA ASP A 55 -11.39 13.47 28.06
C ASP A 55 -10.72 13.04 26.76
N VAL A 56 -10.81 13.89 25.73
CA VAL A 56 -10.08 13.67 24.49
C VAL A 56 -8.59 13.50 24.75
N ARG A 57 -8.08 14.10 25.82
CA ARG A 57 -6.67 13.94 26.14
C ARG A 57 -6.29 12.47 26.27
N LYS A 58 -7.23 11.62 26.66
CA LYS A 58 -6.94 10.19 26.75
C LYS A 58 -6.79 9.56 25.36
N MET A 59 -7.48 10.09 24.34
CA MET A 59 -7.25 9.61 22.98
C MET A 59 -5.89 10.08 22.47
N VAL A 60 -5.62 11.40 22.54
CA VAL A 60 -4.43 11.93 21.89
C VAL A 60 -3.17 11.38 22.55
N LYS A 61 -3.23 11.03 23.82
CA LYS A 61 -2.07 10.45 24.48
C LYS A 61 -1.78 9.03 24.01
N HIS A 62 -2.77 8.32 23.48
CA HIS A 62 -2.63 6.90 23.25
C HIS A 62 -1.66 6.60 22.11
N PRO A 63 -0.93 5.48 22.17
CA PRO A 63 -0.02 5.13 21.08
C PRO A 63 -0.69 5.08 19.71
N VAL A 64 -1.91 4.55 19.62
CA VAL A 64 -2.56 4.47 18.31
C VAL A 64 -2.69 5.87 17.70
N TRP A 65 -2.99 6.88 18.54
CA TRP A 65 -3.08 8.25 18.07
C TRP A 65 -1.80 8.71 17.38
N GLN A 66 -0.65 8.20 17.82
CA GLN A 66 0.58 8.53 17.13
C GLN A 66 0.62 7.96 15.72
N ASP A 67 0.01 6.79 15.50
CA ASP A 67 -0.07 6.25 14.15
C ASP A 67 -0.91 7.15 13.26
N LEU A 68 -2.05 7.63 13.77
CA LEU A 68 -2.88 8.57 13.01
C LEU A 68 -2.14 9.87 12.74
N GLU A 69 -1.47 10.42 13.76
CA GLU A 69 -0.70 11.64 13.58
C GLU A 69 0.36 11.49 12.49
N LYS A 70 0.98 10.32 12.40
CA LYS A 70 1.99 10.08 11.39
C LYS A 70 1.39 9.75 10.02
N GLY A 71 0.08 9.78 9.88
CA GLY A 71 -0.55 9.45 8.62
C GLY A 71 -0.61 7.98 8.26
N LEU A 72 -0.31 7.07 9.21
CA LEU A 72 -0.33 5.64 8.91
C LEU A 72 -1.74 5.06 8.84
N ILE A 73 -2.72 5.74 9.42
CA ILE A 73 -4.11 5.30 9.43
C ILE A 73 -4.96 6.56 9.36
N ASN A 74 -6.24 6.39 9.02
CA ASN A 74 -7.17 7.51 8.99
C ASN A 74 -7.99 7.55 10.28
N GLN A 75 -8.85 8.56 10.41
CA GLN A 75 -9.54 8.77 11.69
C GLN A 75 -10.46 7.60 12.02
N GLU A 76 -11.27 7.14 11.06
CA GLU A 76 -12.16 6.00 11.30
C GLU A 76 -11.38 4.81 11.86
N PHE A 77 -10.23 4.53 11.25
CA PHE A 77 -9.41 3.42 11.68
C PHE A 77 -8.90 3.63 13.10
N ALA A 78 -8.45 4.85 13.42
CA ALA A 78 -7.87 5.12 14.73
C ALA A 78 -8.94 5.10 15.82
N LEU A 79 -10.10 5.70 15.52
CA LEU A 79 -11.21 5.68 16.47
C LEU A 79 -11.67 4.26 16.75
N THR A 80 -11.85 3.45 15.70
CA THR A 80 -12.28 2.07 15.87
C THR A 80 -11.35 1.32 16.81
N ALA A 81 -10.04 1.46 16.61
CA ALA A 81 -9.09 0.83 17.51
C ALA A 81 -9.16 1.45 18.90
N LEU A 82 -9.25 2.78 18.99
CA LEU A 82 -9.29 3.44 20.30
C LEU A 82 -10.56 3.09 21.05
N SER A 83 -11.63 2.80 20.33
CA SER A 83 -12.90 2.42 20.95
C SER A 83 -12.76 1.12 21.72
N CYS A 84 -11.83 0.26 21.33
CA CYS A 84 -11.53 -0.95 22.06
C CYS A 84 -10.52 -0.72 23.17
N GLU A 85 -9.42 -0.01 22.89
CA GLU A 85 -8.42 0.19 23.92
C GLU A 85 -8.96 1.02 25.08
N LEU A 86 -9.76 2.05 24.80
CA LEU A 86 -10.28 2.95 25.82
C LEU A 86 -11.68 2.58 26.27
N GLU A 87 -12.21 1.43 25.81
CA GLU A 87 -13.51 0.92 26.25
C GLU A 87 -14.58 2.00 26.22
N THR A 88 -14.68 2.67 25.07
CA THR A 88 -15.60 3.78 24.88
C THR A 88 -16.27 3.59 23.53
N PRO A 89 -17.58 3.80 23.44
CA PRO A 89 -18.25 3.64 22.14
C PRO A 89 -17.60 4.53 21.07
N CYS A 90 -17.31 3.91 19.92
CA CYS A 90 -16.69 4.62 18.81
C CYS A 90 -17.42 5.93 18.48
N SER A 91 -18.75 5.91 18.50
CA SER A 91 -19.53 7.09 18.15
C SER A 91 -19.37 8.20 19.19
N LYS A 92 -19.09 7.85 20.45
CA LYS A 92 -18.80 8.88 21.43
C LYS A 92 -17.42 9.48 21.21
N LEU A 93 -16.44 8.62 20.89
CA LEU A 93 -15.13 9.14 20.52
C LEU A 93 -15.24 10.07 19.33
N LYS A 94 -16.10 9.74 18.36
CA LYS A 94 -16.24 10.61 17.19
C LYS A 94 -16.86 11.94 17.59
N GLU A 95 -17.90 11.91 18.41
CA GLU A 95 -18.53 13.16 18.85
C GLU A 95 -17.55 14.01 19.64
N MET A 96 -16.73 13.39 20.49
CA MET A 96 -15.80 14.14 21.32
C MET A 96 -14.76 14.87 20.46
N LEU A 97 -14.22 14.19 19.45
CA LEU A 97 -13.25 14.81 18.55
C LEU A 97 -13.87 16.00 17.84
N GLU A 98 -15.06 15.80 17.27
CA GLU A 98 -15.74 16.87 16.57
C GLU A 98 -16.01 18.05 17.49
N LEU A 99 -16.37 17.78 18.74
CA LEU A 99 -16.58 18.86 19.69
C LEU A 99 -15.26 19.56 20.03
N SER A 100 -14.20 18.79 20.26
CA SER A 100 -12.89 19.39 20.48
C SER A 100 -12.52 20.32 19.33
N ILE A 101 -12.60 19.80 18.10
CA ILE A 101 -12.18 20.55 16.92
C ILE A 101 -13.04 21.80 16.74
N ALA A 102 -14.35 21.66 16.93
CA ALA A 102 -15.23 22.81 16.79
C ALA A 102 -14.94 23.87 17.84
N SER A 103 -14.39 23.48 18.99
CA SER A 103 -14.08 24.43 20.04
C SER A 103 -12.82 25.23 19.77
N LEU A 104 -12.14 25.00 18.65
CA LEU A 104 -10.81 25.56 18.44
C LEU A 104 -10.88 27.07 18.26
N GLN A 105 -10.03 27.79 19.00
CA GLN A 105 -9.93 29.23 18.89
C GLN A 105 -8.50 29.63 18.54
N VAL A 106 -8.39 30.69 17.74
CA VAL A 106 -7.10 31.25 17.40
C VAL A 106 -6.55 31.99 18.62
N ASN A 107 -5.23 31.93 18.78
CA ASN A 107 -4.50 32.71 19.79
C ASN A 107 -4.22 34.10 19.24
N PRO A 108 -4.95 35.13 19.65
CA PRO A 108 -4.77 36.45 19.02
C PRO A 108 -3.39 37.04 19.19
N LEU A 109 -2.73 36.80 20.33
CA LEU A 109 -1.38 37.32 20.53
C LEU A 109 -0.38 36.66 19.59
N MET A 110 -0.44 35.33 19.47
CA MET A 110 0.56 34.66 18.67
C MET A 110 0.32 34.84 17.16
N VAL A 111 -0.94 35.02 16.72
CA VAL A 111 -1.09 35.24 15.29
C VAL A 111 -0.63 36.65 14.93
N GLU A 112 -0.75 37.60 15.85
CA GLU A 112 -0.20 38.93 15.63
C GLU A 112 1.33 38.91 15.63
N VAL A 113 1.94 38.20 16.58
CA VAL A 113 3.38 37.98 16.55
C VAL A 113 3.77 37.35 15.21
N LEU A 114 3.05 36.31 14.79
CA LEU A 114 3.31 35.65 13.53
C LEU A 114 3.20 36.62 12.36
N ARG A 115 2.11 37.38 12.32
CA ARG A 115 1.90 38.35 11.25
C ARG A 115 3.00 39.41 11.24
N VAL A 116 3.45 39.86 12.42
CA VAL A 116 4.50 40.88 12.46
C VAL A 116 5.79 40.33 11.86
N LEU A 117 6.14 39.09 12.22
CA LEU A 117 7.34 38.46 11.65
C LEU A 117 7.22 38.35 10.14
N HIS A 118 6.02 38.03 9.65
CA HIS A 118 5.83 37.94 8.21
C HIS A 118 6.06 39.29 7.53
N LYS A 119 5.47 40.35 8.08
CA LYS A 119 5.69 41.70 7.54
C LYS A 119 7.15 42.13 7.66
N LYS A 120 7.96 41.44 8.46
CA LYS A 120 9.39 41.71 8.52
C LYS A 120 10.19 40.83 7.57
N ASP A 121 9.53 40.19 6.61
CA ASP A 121 10.18 39.28 5.65
C ASP A 121 11.04 38.22 6.36
N LYS A 122 10.60 37.78 7.54
CA LYS A 122 11.23 36.62 8.15
C LYS A 122 10.87 35.35 7.37
N GLN A 123 11.79 34.40 7.40
CA GLN A 123 11.50 33.04 6.94
C GLN A 123 10.80 32.27 8.07
N ILE A 124 9.56 31.86 7.83
CA ILE A 124 8.72 31.35 8.91
C ILE A 124 8.18 29.98 8.51
N TYR A 125 8.30 29.02 9.41
CA TYR A 125 7.83 27.66 9.14
C TYR A 125 6.90 27.19 10.24
N CYS A 126 6.02 26.28 9.86
CA CYS A 126 5.09 25.64 10.77
C CYS A 126 5.47 24.18 10.91
N LEU A 127 5.64 23.71 12.14
CA LEU A 127 6.01 22.33 12.41
C LEU A 127 5.12 21.82 13.54
N SER A 128 4.23 20.88 13.23
CA SER A 128 3.24 20.48 14.20
C SER A 128 2.78 19.05 13.96
N ASN A 129 2.36 18.41 15.05
CA ASN A 129 1.72 17.11 15.02
C ASN A 129 0.22 17.33 14.89
N VAL A 130 -0.35 16.90 13.76
CA VAL A 130 -1.79 16.92 13.55
C VAL A 130 -2.09 15.87 12.50
N ASP A 131 -3.25 15.21 12.61
CA ASP A 131 -3.67 14.21 11.65
C ASP A 131 -4.28 14.88 10.41
N LEU A 132 -4.27 14.13 9.30
CA LEU A 132 -4.62 14.71 7.99
C LEU A 132 -6.01 15.29 7.99
N GLU A 133 -7.01 14.55 8.49
CA GLU A 133 -8.37 15.08 8.53
C GLU A 133 -8.46 16.36 9.33
N SER A 134 -7.86 16.37 10.52
CA SER A 134 -7.89 17.58 11.34
C SER A 134 -7.22 18.74 10.61
N PHE A 135 -6.03 18.50 10.06
CA PHE A 135 -5.29 19.57 9.41
C PHE A 135 -6.05 20.09 8.20
N SER A 136 -6.73 19.20 7.49
CA SER A 136 -7.59 19.60 6.40
C SER A 136 -8.67 20.56 6.88
N TYR A 137 -9.31 20.25 8.01
CA TYR A 137 -10.32 21.15 8.56
C TYR A 137 -9.69 22.49 8.96
N LEU A 138 -8.60 22.44 9.73
CA LEU A 138 -7.98 23.66 10.22
C LEU A 138 -7.53 24.55 9.08
N TYR A 139 -7.00 23.96 8.02
CA TYR A 139 -6.51 24.80 6.93
C TYR A 139 -7.65 25.61 6.31
N LYS A 140 -8.79 24.96 6.08
CA LYS A 140 -9.94 25.72 5.56
C LYS A 140 -10.43 26.73 6.59
N GLN A 141 -10.52 26.31 7.86
CA GLN A 141 -11.21 27.10 8.87
C GLN A 141 -10.49 28.41 9.18
N PHE A 142 -9.17 28.37 9.32
CA PHE A 142 -8.41 29.55 9.74
C PHE A 142 -7.63 30.12 8.56
N ASP A 143 -6.99 31.28 8.81
CA ASP A 143 -6.44 32.04 7.69
C ASP A 143 -5.12 32.70 8.03
N PHE A 144 -4.36 32.12 8.96
CA PHE A 144 -3.00 32.57 9.24
C PHE A 144 -1.97 31.78 8.45
N TRP A 145 -2.39 30.75 7.72
CA TRP A 145 -1.45 29.90 6.99
C TRP A 145 -0.64 30.70 5.98
N LYS A 146 -1.21 31.77 5.42
CA LYS A 146 -0.51 32.58 4.45
C LYS A 146 0.77 33.19 5.01
N TYR A 147 0.93 33.22 6.33
CA TYR A 147 2.11 33.81 6.91
C TYR A 147 3.28 32.83 6.96
N PHE A 148 3.07 31.59 6.55
CA PHE A 148 4.14 30.61 6.58
C PHE A 148 4.78 30.51 5.21
N ASP A 149 6.10 30.39 5.19
CA ASP A 149 6.83 30.07 3.98
C ASP A 149 6.78 28.59 3.66
N GLY A 150 6.48 27.78 4.65
CA GLY A 150 6.49 26.33 4.48
C GLY A 150 5.76 25.71 5.65
N ILE A 151 5.03 24.63 5.37
CA ILE A 151 4.19 23.97 6.36
C ILE A 151 4.61 22.50 6.45
N TYR A 152 4.98 22.08 7.64
CA TYR A 152 5.53 20.75 7.93
C TYR A 152 4.63 20.11 8.99
N VAL A 153 3.74 19.23 8.53
CA VAL A 153 2.69 18.62 9.34
C VAL A 153 2.91 17.10 9.39
N SER A 154 2.75 16.52 10.58
CA SER A 154 3.14 15.13 10.84
C SER A 154 2.47 14.14 9.89
N ALA A 155 1.18 14.31 9.62
CA ALA A 155 0.50 13.36 8.75
C ALA A 155 0.97 13.48 7.29
N LEU A 156 1.47 14.63 6.87
CA LEU A 156 2.01 14.74 5.52
C LEU A 156 3.46 14.25 5.44
N LEU A 157 4.14 14.16 6.59
CA LEU A 157 5.55 13.79 6.63
C LEU A 157 5.80 12.34 7.03
N GLN A 158 4.78 11.63 7.51
CA GLN A 158 4.97 10.36 8.22
C GLN A 158 6.11 10.45 9.21
N LEU A 159 6.20 11.57 9.91
CA LEU A 159 7.18 11.78 10.96
C LEU A 159 6.46 12.48 12.09
N ARG A 160 6.96 12.31 13.31
CA ARG A 160 6.28 12.82 14.50
C ARG A 160 7.23 13.65 15.32
N LYS A 161 6.67 14.69 15.95
CA LYS A 161 7.48 15.83 16.36
C LYS A 161 8.54 15.56 17.42
N PRO A 162 8.33 14.70 18.43
CA PRO A 162 9.46 14.52 19.37
C PRO A 162 10.68 13.95 18.67
N ASN A 163 10.47 13.14 17.64
CA ASN A 163 11.55 12.38 17.07
C ASN A 163 12.56 13.29 16.37
N PRO A 164 13.86 13.07 16.58
CA PRO A 164 14.85 13.97 15.97
C PRO A 164 14.77 14.00 14.47
N ASP A 165 14.33 12.90 13.83
CA ASP A 165 14.35 12.89 12.38
C ASP A 165 13.32 13.83 11.76
N ILE A 166 12.29 14.25 12.50
CA ILE A 166 11.41 15.27 11.95
C ILE A 166 12.11 16.62 11.94
N PHE A 167 13.02 16.84 12.91
CA PHE A 167 13.82 18.06 12.90
C PHE A 167 14.85 18.03 11.80
N GLN A 168 15.55 16.90 11.68
CA GLN A 168 16.52 16.74 10.61
C GLN A 168 15.86 16.95 9.24
N TYR A 169 14.63 16.46 9.08
CA TYR A 169 13.93 16.64 7.83
C TYR A 169 13.63 18.10 7.57
N LEU A 170 13.09 18.81 8.58
CA LEU A 170 12.77 20.21 8.38
C LEU A 170 14.01 21.02 8.02
N ILE A 171 15.07 20.90 8.82
CA ILE A 171 16.31 21.62 8.59
C ILE A 171 16.84 21.35 7.19
N SER A 172 16.79 20.08 6.75
CA SER A 172 17.30 19.74 5.44
C SER A 172 16.37 20.21 4.32
N SER A 173 15.06 20.00 4.48
CA SER A 173 14.11 20.35 3.43
C SER A 173 14.11 21.84 3.17
N ALA A 174 14.18 22.66 4.22
CA ALA A 174 14.11 24.10 4.06
C ALA A 174 15.48 24.75 4.10
N SER A 175 16.56 23.96 4.16
CA SER A 175 17.94 24.46 4.18
C SER A 175 18.12 25.53 5.25
N ILE A 176 17.82 25.14 6.48
CA ILE A 176 17.78 26.08 7.60
C ILE A 176 19.18 26.26 8.18
N ASN A 177 19.56 27.51 8.43
CA ASN A 177 20.76 27.83 9.20
C ASN A 177 20.34 27.85 10.66
N THR A 178 20.63 26.77 11.39
CA THR A 178 20.16 26.65 12.77
C THR A 178 20.72 27.73 13.68
N LYS A 179 21.81 28.40 13.28
CA LYS A 179 22.33 29.50 14.10
C LYS A 179 21.38 30.69 14.13
N SER A 180 20.60 30.91 13.08
CA SER A 180 19.67 32.03 13.00
C SER A 180 18.21 31.61 13.13
N THR A 181 17.95 30.46 13.75
CA THR A 181 16.61 29.88 13.81
C THR A 181 16.17 29.74 15.26
N ILE A 182 14.93 30.12 15.53
CA ILE A 182 14.34 29.97 16.85
C ILE A 182 13.01 29.24 16.70
N PHE A 183 12.77 28.29 17.61
CA PHE A 183 11.61 27.41 17.61
C PHE A 183 10.71 27.77 18.78
N ILE A 184 9.41 27.94 18.52
CA ILE A 184 8.44 28.24 19.56
C ILE A 184 7.51 27.05 19.73
N ASP A 185 7.47 26.51 20.94
CA ASP A 185 6.66 25.33 21.27
C ASP A 185 6.30 25.39 22.76
N ASP A 186 5.15 24.80 23.09
CA ASP A 186 4.69 24.67 24.47
C ASP A 186 5.18 23.41 25.18
N LYS A 187 5.85 22.49 24.47
CA LYS A 187 6.27 21.23 25.07
C LYS A 187 7.80 21.18 25.13
N SER A 188 8.32 20.99 26.35
CA SER A 188 9.76 21.05 26.56
C SER A 188 10.49 19.96 25.79
N GLU A 189 9.88 18.78 25.66
CA GLU A 189 10.50 17.69 24.90
C GLU A 189 10.76 18.11 23.46
N ASN A 190 9.86 18.90 22.86
CA ASN A 190 10.10 19.33 21.49
C ASN A 190 11.24 20.34 21.44
N LEU A 191 11.26 21.29 22.37
CA LEU A 191 12.33 22.28 22.42
C LEU A 191 13.66 21.62 22.68
N GLN A 192 13.69 20.65 23.60
CA GLN A 192 14.94 19.94 23.89
C GLN A 192 15.52 19.34 22.61
N GLU A 193 14.70 18.60 21.86
CA GLU A 193 15.17 17.99 20.63
C GLU A 193 15.62 19.03 19.60
N ALA A 194 14.93 20.18 19.54
CA ALA A 194 15.34 21.22 18.61
C ALA A 194 16.69 21.81 19.00
N ALA A 195 16.92 21.96 20.31
CA ALA A 195 18.18 22.56 20.76
C ALA A 195 19.36 21.65 20.45
N ASN A 196 19.14 20.33 20.44
CA ASN A 196 20.20 19.40 20.04
C ASN A 196 20.69 19.68 18.63
N PHE A 197 19.85 20.22 17.77
CA PHE A 197 20.26 20.59 16.42
C PHE A 197 20.78 22.02 16.34
N GLY A 198 20.97 22.69 17.46
CA GLY A 198 21.49 24.04 17.47
C GLY A 198 20.46 25.14 17.30
N ILE A 199 19.18 24.81 17.31
CA ILE A 199 18.12 25.82 17.17
C ILE A 199 17.79 26.36 18.55
N SER A 200 17.70 27.69 18.66
CA SER A 200 17.28 28.31 19.90
C SER A 200 15.79 28.07 20.12
N THR A 201 15.39 28.18 21.38
CA THR A 201 14.09 27.72 21.82
C THR A 201 13.32 28.83 22.53
N LEU A 202 11.99 28.73 22.45
CA LEU A 202 11.11 29.66 23.14
C LEU A 202 9.92 28.86 23.64
N LYS A 203 9.90 28.60 24.95
CA LYS A 203 8.81 27.85 25.56
C LYS A 203 7.62 28.77 25.78
N TYR A 204 6.45 28.35 25.33
CA TYR A 204 5.21 29.09 25.48
C TYR A 204 4.46 28.54 26.69
N ASN A 205 4.38 29.32 27.76
CA ASN A 205 3.68 28.93 28.97
C ASN A 205 2.41 29.75 29.13
N LYS A 206 1.57 29.33 30.08
CA LYS A 206 0.34 30.06 30.35
C LYS A 206 0.62 31.49 30.81
N ASP A 207 1.82 31.76 31.31
CA ASP A 207 2.10 33.01 32.00
C ASP A 207 3.40 33.69 31.58
N ASN A 208 4.25 33.04 30.79
CA ASN A 208 5.47 33.70 30.33
C ASN A 208 6.03 32.94 29.13
N PHE A 209 7.20 33.37 28.67
CA PHE A 209 8.00 32.69 27.67
C PHE A 209 9.38 32.41 28.25
N GLU A 210 9.91 31.22 28.00
CA GLU A 210 11.27 30.87 28.39
C GLU A 210 12.14 30.85 27.14
N TYR A 211 13.13 31.75 27.08
CA TYR A 211 14.00 31.90 25.92
C TYR A 211 15.40 31.37 26.23
N THR A 212 15.85 30.41 25.43
CA THR A 212 17.19 29.85 25.54
C THR A 212 17.91 30.10 24.21
N ALA A 213 18.86 31.03 24.22
CA ALA A 213 19.76 31.19 23.08
C ALA A 213 20.62 29.94 22.91
N ILE A 214 20.71 29.45 21.68
CA ILE A 214 21.54 28.30 21.33
C ILE A 214 22.48 28.72 20.21
N GLU A 215 23.70 28.20 20.25
CA GLU A 215 24.75 28.46 19.26
C GLU A 215 24.23 28.47 17.82
N THR A 226 18.62 10.75 1.94
CA THR A 226 19.16 9.40 2.10
C THR A 226 19.88 8.91 0.84
N PRO A 227 20.75 7.91 1.00
CA PRO A 227 21.41 7.34 -0.19
C PRO A 227 20.46 6.71 -1.17
N GLU A 228 19.33 6.17 -0.72
CA GLU A 228 18.41 5.52 -1.64
C GLU A 228 17.77 6.54 -2.58
N ILE A 229 17.46 7.73 -2.08
CA ILE A 229 16.80 8.75 -2.90
C ILE A 229 17.68 9.13 -4.07
N HIS A 230 18.99 9.26 -3.86
CA HIS A 230 19.85 9.72 -4.92
C HIS A 230 20.12 8.62 -5.94
N LYS A 231 20.23 7.37 -5.47
CA LYS A 231 20.31 6.26 -6.41
C LYS A 231 19.07 6.22 -7.30
N LYS A 232 17.88 6.46 -6.72
CA LYS A 232 16.66 6.40 -7.52
C LYS A 232 16.59 7.57 -8.51
N ARG A 233 16.92 8.77 -8.04
CA ARG A 233 16.97 9.95 -8.90
C ARG A 233 17.90 9.71 -10.10
N THR A 234 19.15 9.33 -9.81
CA THR A 234 20.15 9.05 -10.82
C THR A 234 19.64 8.06 -11.85
N LEU A 235 19.15 6.91 -11.38
CA LEU A 235 18.64 5.88 -12.26
C LEU A 235 17.49 6.42 -13.13
N GLY A 236 16.58 7.20 -12.52
CA GLY A 236 15.45 7.73 -13.26
C GLY A 236 15.87 8.77 -14.29
N GLU A 237 16.83 9.64 -13.96
CA GLU A 237 17.37 10.58 -14.92
C GLU A 237 18.04 9.86 -16.09
N ASP A 238 18.85 8.83 -15.82
CA ASP A 238 19.49 8.11 -16.91
C ASP A 238 18.44 7.45 -17.81
N TYR A 239 17.37 6.92 -17.20
CA TYR A 239 16.30 6.33 -17.99
C TYR A 239 15.66 7.37 -18.92
N LEU A 240 15.22 8.50 -18.36
CA LEU A 240 14.46 9.45 -19.19
C LEU A 240 15.37 10.09 -20.24
N ASN A 241 16.62 10.42 -19.87
CA ASN A 241 17.53 11.03 -20.83
C ASN A 241 17.77 10.11 -22.03
N LEU A 242 17.97 8.82 -21.77
CA LEU A 242 18.18 7.88 -22.87
C LEU A 242 16.91 7.72 -23.69
N ARG A 243 15.73 7.64 -23.03
CA ARG A 243 14.48 7.49 -23.78
C ARG A 243 14.21 8.71 -24.66
N LEU A 244 14.38 9.90 -24.10
CA LEU A 244 14.10 11.11 -24.87
C LEU A 244 15.18 11.37 -25.92
N ARG A 245 16.42 10.91 -25.70
CA ARG A 245 17.44 11.02 -26.73
C ARG A 245 17.10 10.13 -27.91
N LYS A 246 16.76 8.86 -27.64
CA LYS A 246 16.42 7.94 -28.73
C LYS A 246 15.11 8.34 -29.40
N PHE A 247 14.13 8.84 -28.63
CA PHE A 247 12.80 9.14 -29.15
C PHE A 247 12.39 10.55 -28.73
N PRO A 248 12.98 11.57 -29.37
CA PRO A 248 12.69 12.95 -28.94
C PRO A 248 11.29 13.38 -29.27
N PHE A 249 10.68 12.81 -30.31
CA PHE A 249 9.22 12.83 -30.45
C PHE A 249 8.68 11.87 -29.40
N CYS A 250 8.19 12.42 -28.28
CA CYS A 250 7.83 11.57 -27.14
C CYS A 250 6.85 10.49 -27.58
N LYS A 251 7.25 9.22 -27.43
CA LYS A 251 6.40 8.10 -27.78
C LYS A 251 5.09 8.15 -26.98
N SER A 252 4.12 7.37 -27.44
CA SER A 252 2.82 7.25 -26.76
C SER A 252 2.23 5.88 -27.05
N PHE A 253 1.59 5.29 -26.04
CA PHE A 253 0.83 4.08 -26.21
C PHE A 253 -0.65 4.35 -25.97
N VAL A 254 -1.50 3.55 -26.61
CA VAL A 254 -2.95 3.70 -26.51
C VAL A 254 -3.58 2.37 -26.09
N SER A 255 -4.53 2.46 -25.20
CA SER A 255 -5.36 1.32 -24.80
C SER A 255 -6.65 1.89 -24.25
N ASN A 256 -7.57 1.01 -23.89
CA ASN A 256 -8.84 1.45 -23.35
C ASN A 256 -8.82 1.48 -21.83
N ASN A 257 -7.66 1.31 -21.21
CA ASN A 257 -7.56 1.31 -19.76
C ASN A 257 -6.40 2.19 -19.33
N VAL A 258 -6.52 2.72 -18.10
CA VAL A 258 -5.69 3.84 -17.65
C VAL A 258 -4.26 3.43 -17.37
N GLU A 259 -4.00 2.17 -17.12
CA GLU A 259 -2.62 1.71 -16.95
C GLU A 259 -2.05 1.16 -18.24
N LEU A 260 -2.83 1.20 -19.32
CA LEU A 260 -2.37 0.86 -20.65
C LEU A 260 -1.78 -0.55 -20.71
N ILE A 261 -2.28 -1.45 -19.85
CA ILE A 261 -1.81 -2.82 -19.88
C ILE A 261 -2.03 -3.38 -21.27
N GLY A 262 -0.95 -3.80 -21.92
CA GLY A 262 -1.07 -4.29 -23.28
C GLY A 262 -1.41 -3.24 -24.31
N GLY A 263 -1.26 -1.96 -23.97
CA GLY A 263 -1.50 -0.92 -24.95
C GLY A 263 -0.59 -1.05 -26.17
N GLU A 264 -1.07 -0.54 -27.29
CA GLU A 264 -0.33 -0.57 -28.55
C GLU A 264 0.48 0.71 -28.74
N ASP A 265 1.60 0.58 -29.44
CA ASP A 265 2.42 1.75 -29.73
C ASP A 265 1.69 2.67 -30.72
N PHE A 266 1.51 3.93 -30.35
CA PHE A 266 0.94 4.94 -31.23
C PHE A 266 2.04 5.89 -31.70
N SER A 267 2.51 6.78 -30.84
CA SER A 267 3.66 7.64 -31.12
C SER A 267 3.41 8.55 -32.32
N LYS A 268 2.19 9.07 -32.44
CA LYS A 268 1.86 9.91 -33.59
C LYS A 268 1.19 11.20 -33.19
N GLU A 269 1.37 11.63 -31.95
CA GLU A 269 0.82 12.89 -31.46
C GLU A 269 1.93 13.71 -30.82
N ILE A 270 1.89 15.02 -31.04
CA ILE A 270 2.97 15.90 -30.59
C ILE A 270 2.76 16.38 -29.16
N PHE A 271 1.57 16.21 -28.59
CA PHE A 271 1.22 16.86 -27.32
C PHE A 271 2.06 16.33 -26.16
N SER A 272 2.36 15.03 -26.14
CA SER A 272 3.19 14.48 -25.04
C SER A 272 4.55 15.17 -24.98
N THR A 273 5.18 15.38 -26.14
CA THR A 273 6.45 16.10 -26.19
C THR A 273 6.32 17.47 -25.49
N ALA A 274 5.25 18.20 -25.79
CA ALA A 274 5.11 19.52 -25.18
C ALA A 274 4.83 19.42 -23.68
N VAL A 275 4.04 18.43 -23.25
CA VAL A 275 3.79 18.26 -21.81
C VAL A 275 5.10 17.96 -21.07
N ILE A 276 5.96 17.12 -21.64
CA ILE A 276 7.22 16.81 -20.96
C ILE A 276 8.06 18.06 -20.79
N LEU A 277 8.13 18.91 -21.81
CA LEU A 277 8.92 20.14 -21.72
C LEU A 277 8.40 21.07 -20.63
N HIS A 278 7.10 21.11 -20.43
CA HIS A 278 6.58 22.01 -19.39
C HIS A 278 6.67 21.40 -18.00
N SER A 279 6.60 20.09 -17.88
CA SER A 279 6.39 19.47 -16.57
C SER A 279 7.67 19.06 -15.87
N TYR A 280 8.71 18.70 -16.61
CA TYR A 280 9.99 18.34 -16.01
C TYR A 280 11.01 19.38 -16.46
N THR A 281 11.61 20.08 -15.50
CA THR A 281 12.32 21.31 -15.77
C THR A 281 13.84 21.15 -15.68
N SER A 282 14.35 19.91 -15.72
CA SER A 282 15.79 19.67 -15.61
C SER A 282 16.37 18.92 -16.81
N LEU A 283 15.72 18.95 -17.97
CA LEU A 283 16.29 18.28 -19.13
C LEU A 283 17.56 18.99 -19.58
N PRO A 284 18.61 18.25 -19.94
CA PRO A 284 19.79 18.89 -20.53
C PRO A 284 19.42 19.57 -21.85
N ASP A 285 20.25 20.56 -22.22
CA ASP A 285 19.96 21.38 -23.38
C ASP A 285 19.93 20.56 -24.67
N ASP A 286 20.67 19.45 -24.73
CA ASP A 286 20.72 18.69 -25.98
C ASP A 286 19.42 17.94 -26.22
N ILE A 287 18.81 17.44 -25.14
CA ILE A 287 17.49 16.84 -25.26
C ILE A 287 16.47 17.92 -25.59
N ILE A 288 16.55 19.07 -24.91
CA ILE A 288 15.58 20.13 -25.16
C ILE A 288 15.64 20.56 -26.62
N ALA A 289 16.85 20.68 -27.16
CA ALA A 289 17.02 21.03 -28.56
C ALA A 289 16.34 20.01 -29.45
N SER A 290 16.59 18.73 -29.17
CA SER A 290 16.06 17.70 -30.03
C SER A 290 14.53 17.67 -30.01
N MET A 291 13.93 17.87 -28.83
CA MET A 291 12.47 17.86 -28.73
C MET A 291 11.88 19.13 -29.32
N CYS A 292 12.57 20.24 -29.17
CA CYS A 292 12.11 21.49 -29.76
C CYS A 292 12.06 21.38 -31.28
N HIS A 293 13.05 20.69 -31.87
CA HIS A 293 13.07 20.43 -33.31
C HIS A 293 11.84 19.63 -33.74
N GLU A 294 11.44 18.64 -32.94
CA GLU A 294 10.26 17.88 -33.28
C GLU A 294 9.03 18.76 -33.31
N ILE A 295 8.91 19.67 -32.34
CA ILE A 295 7.77 20.57 -32.31
C ILE A 295 7.75 21.45 -33.55
N LEU A 296 8.92 22.01 -33.92
CA LEU A 296 8.98 22.97 -35.01
C LEU A 296 8.86 22.30 -36.37
N ASN A 297 9.20 21.02 -36.47
CA ASN A 297 9.10 20.29 -37.72
C ASN A 297 7.86 19.43 -37.78
N HIS A 298 6.98 19.52 -36.78
CA HIS A 298 5.74 18.75 -36.77
C HIS A 298 4.86 19.17 -37.95
N ASP A 299 4.48 18.21 -38.79
CA ASP A 299 3.71 18.57 -39.99
C ASP A 299 2.30 19.04 -39.66
N GLY A 300 1.78 18.65 -38.51
CA GLY A 300 0.46 19.09 -38.13
C GLY A 300 0.43 20.48 -37.52
N GLN A 301 0.76 21.48 -38.34
CA GLN A 301 0.74 22.85 -37.88
C GLN A 301 0.51 23.76 -39.08
N ASN A 302 -0.02 24.94 -38.81
CA ASN A 302 -0.23 25.90 -39.87
C ASN A 302 -0.34 27.28 -39.24
N LYS A 303 0.54 28.19 -39.66
CA LYS A 303 0.49 29.56 -39.17
C LYS A 303 0.51 29.60 -37.65
N LEU A 304 1.38 28.77 -37.06
CA LEU A 304 1.61 28.70 -35.62
C LEU A 304 0.38 28.23 -34.83
N ARG A 305 -0.57 27.57 -35.47
CA ARG A 305 -1.52 26.73 -34.76
C ARG A 305 -1.11 25.28 -34.95
N TRP A 306 -1.28 24.47 -33.91
CA TRP A 306 -0.83 23.08 -33.95
C TRP A 306 -2.00 22.12 -33.86
N CYS A 307 -1.81 20.95 -34.45
CA CYS A 307 -2.74 19.84 -34.35
C CYS A 307 -2.11 18.72 -33.53
N PHE A 308 -2.90 18.17 -32.59
CA PHE A 308 -2.51 17.01 -31.80
C PHE A 308 -1.77 15.96 -32.61
N TYR A 309 -2.35 15.57 -33.75
CA TYR A 309 -1.86 14.44 -34.56
C TYR A 309 -0.82 14.87 -35.59
N LYS A 310 0.09 13.95 -35.89
CA LYS A 310 0.80 14.00 -37.16
C LYS A 310 -0.21 13.84 -38.29
N ASN A 311 0.15 14.37 -39.47
CA ASN A 311 -0.74 14.26 -40.62
C ASN A 311 -1.13 12.81 -40.89
N GLU A 312 -0.17 11.90 -40.82
CA GLU A 312 -0.43 10.52 -41.17
C GLU A 312 -1.49 9.89 -40.28
N ALA A 313 -1.74 10.44 -39.09
CA ALA A 313 -2.77 9.92 -38.20
C ALA A 313 -3.91 10.90 -37.98
N ARG A 314 -3.94 12.02 -38.69
CA ARG A 314 -5.01 12.97 -38.42
C ARG A 314 -6.31 12.47 -39.04
N PRO A 315 -7.39 12.34 -38.27
CA PRO A 315 -8.69 12.09 -38.88
C PRO A 315 -9.04 13.18 -39.89
N ASP A 316 -9.82 12.78 -40.89
CA ASP A 316 -10.30 13.74 -41.88
C ASP A 316 -11.08 14.85 -41.21
N ASN A 317 -10.74 16.10 -41.54
CA ASN A 317 -11.39 17.28 -40.98
C ASN A 317 -11.17 17.43 -39.46
N PHE A 318 -10.07 16.89 -38.92
CA PHE A 318 -9.84 17.06 -37.47
C PHE A 318 -9.07 18.35 -37.24
N PRO A 319 -9.55 19.27 -36.42
CA PRO A 319 -8.98 20.62 -36.40
C PRO A 319 -7.74 20.72 -35.50
N ASP A 320 -7.02 21.83 -35.68
CA ASP A 320 -6.06 22.26 -34.67
C ASP A 320 -6.79 22.60 -33.39
N ASP A 321 -6.09 22.48 -32.27
CA ASP A 321 -6.73 22.73 -30.98
C ASP A 321 -5.87 23.65 -30.12
N LEU A 322 -6.53 24.33 -29.20
CA LEU A 322 -5.88 25.36 -28.40
C LEU A 322 -5.00 24.76 -27.31
N ASP A 323 -5.24 23.51 -26.91
CA ASP A 323 -4.41 22.90 -25.86
C ASP A 323 -2.99 22.65 -26.37
N THR A 324 -2.87 21.92 -27.48
CA THR A 324 -1.57 21.73 -28.10
C THR A 324 -0.96 23.07 -28.50
N THR A 325 -1.78 23.99 -29.03
CA THR A 325 -1.25 25.27 -29.48
C THR A 325 -0.70 26.07 -28.30
N SER A 326 -1.52 26.27 -27.25
CA SER A 326 -1.08 26.99 -26.07
C SER A 326 0.20 26.43 -25.49
N MET A 327 0.24 25.11 -25.28
CA MET A 327 1.42 24.52 -24.66
C MET A 327 2.65 24.63 -25.58
N VAL A 328 2.45 24.49 -26.89
CA VAL A 328 3.58 24.62 -27.81
C VAL A 328 4.11 26.06 -27.80
N LEU A 329 3.21 27.03 -27.92
CA LEU A 329 3.65 28.42 -28.03
C LEU A 329 4.26 28.91 -26.71
N SER A 330 3.69 28.49 -25.59
CA SER A 330 4.26 28.84 -24.29
C SER A 330 5.70 28.34 -24.16
N PHE A 331 5.97 27.11 -24.62
CA PHE A 331 7.32 26.57 -24.58
C PHE A 331 8.25 27.33 -25.52
N LEU A 332 7.86 27.48 -26.78
CA LEU A 332 8.70 28.17 -27.75
C LEU A 332 9.03 29.58 -27.29
N LEU A 333 8.06 30.30 -26.71
CA LEU A 333 8.34 31.60 -26.13
C LEU A 333 9.36 31.50 -25.01
N ASN A 334 9.12 30.59 -24.06
CA ASN A 334 10.03 30.41 -22.94
C ASN A 334 11.47 30.23 -23.40
N HIS A 335 11.67 29.54 -24.51
CA HIS A 335 13.01 29.23 -24.95
C HIS A 335 13.45 30.07 -26.13
N ASN A 336 12.83 31.25 -26.31
CA ASN A 336 13.25 32.24 -27.30
C ASN A 336 13.33 31.65 -28.69
N LYS A 337 12.44 30.71 -28.99
CA LYS A 337 12.25 30.25 -30.35
C LYS A 337 11.24 31.10 -31.11
N LEU A 338 10.42 31.88 -30.39
CA LEU A 338 9.37 32.69 -31.00
C LEU A 338 9.26 33.98 -30.20
N THR A 339 8.93 35.06 -30.91
CA THR A 339 8.71 36.35 -30.26
C THR A 339 7.28 36.47 -29.75
N ILE A 340 7.10 37.36 -28.78
CA ILE A 340 5.75 37.79 -28.39
C ILE A 340 4.99 38.30 -29.62
N GLU A 341 5.71 38.94 -30.56
CA GLU A 341 5.05 39.50 -31.73
C GLU A 341 4.35 38.41 -32.53
N LYS A 342 4.96 37.23 -32.63
CA LYS A 342 4.43 36.13 -33.41
C LYS A 342 3.35 35.36 -32.67
N ILE A 343 3.29 35.44 -31.35
CA ILE A 343 2.32 34.68 -30.57
C ILE A 343 1.01 35.43 -30.39
N ILE A 344 1.11 36.75 -30.23
CA ILE A 344 -0.06 37.55 -29.89
C ILE A 344 -1.18 37.43 -30.93
N PRO A 345 -0.90 37.34 -32.24
CA PRO A 345 -2.02 37.13 -33.19
C PRO A 345 -2.72 35.78 -33.01
N VAL A 346 -1.96 34.72 -32.75
CA VAL A 346 -2.59 33.43 -32.45
C VAL A 346 -3.44 33.54 -31.19
N ALA A 347 -2.92 34.24 -30.17
CA ALA A 347 -3.67 34.39 -28.92
C ALA A 347 -4.95 35.19 -29.13
N GLU A 348 -4.93 36.19 -30.02
CA GLU A 348 -6.16 36.90 -30.32
C GLU A 348 -7.19 35.98 -30.98
N GLN A 349 -6.75 35.04 -31.80
CA GLN A 349 -7.70 34.08 -32.37
C GLN A 349 -8.37 33.27 -31.26
N MET A 350 -7.60 32.91 -30.23
CA MET A 350 -8.17 32.16 -29.12
C MET A 350 -9.27 32.97 -28.44
N ILE A 351 -9.04 34.26 -28.23
CA ILE A 351 -10.09 35.11 -27.68
C ILE A 351 -11.29 35.15 -28.62
N ALA A 352 -11.05 35.01 -29.93
CA ALA A 352 -12.15 34.93 -30.89
C ALA A 352 -12.83 33.57 -30.90
N ASN A 353 -12.42 32.63 -30.04
CA ASN A 353 -12.97 31.29 -30.03
C ASN A 353 -13.87 31.05 -28.82
N ARG A 354 -14.52 32.10 -28.33
CA ARG A 354 -15.39 31.96 -27.18
C ARG A 354 -16.78 31.52 -27.61
N ASN A 355 -17.51 30.92 -26.66
CA ASN A 355 -18.86 30.44 -26.89
C ASN A 355 -19.88 31.44 -26.33
N GLU A 356 -21.17 31.10 -26.44
CA GLU A 356 -22.22 32.03 -26.04
C GLU A 356 -22.13 32.40 -24.56
N GLU A 357 -21.46 31.60 -23.74
CA GLU A 357 -21.22 31.96 -22.35
C GLU A 357 -19.88 32.65 -22.15
N GLY A 358 -19.15 32.90 -23.24
CA GLY A 358 -17.90 33.62 -23.17
C GLY A 358 -16.68 32.79 -22.83
N ILE A 359 -16.81 31.48 -22.75
CA ILE A 359 -15.70 30.61 -22.39
C ILE A 359 -14.92 30.27 -23.65
N ILE A 360 -13.61 30.46 -23.62
CA ILE A 360 -12.76 30.06 -24.73
C ILE A 360 -12.87 28.56 -24.93
N GLN A 361 -13.01 28.13 -26.19
CA GLN A 361 -13.28 26.74 -26.52
C GLN A 361 -12.00 26.00 -26.92
N VAL A 362 -12.16 24.71 -27.15
CA VAL A 362 -11.03 23.79 -27.23
C VAL A 362 -10.43 23.76 -28.63
N TYR A 363 -11.25 23.88 -29.67
CA TYR A 363 -10.77 23.68 -31.03
C TYR A 363 -10.88 24.97 -31.85
N PHE A 364 -9.98 25.08 -32.84
CA PHE A 364 -10.09 26.11 -33.88
C PHE A 364 -11.09 25.59 -34.92
N ASP A 365 -12.35 25.60 -34.54
CA ASP A 365 -13.38 25.01 -35.38
C ASP A 365 -14.76 25.28 -34.81
N ASP A 366 -15.49 26.21 -35.43
CA ASP A 366 -16.86 26.53 -35.03
C ASP A 366 -17.79 25.35 -35.13
N ASN A 367 -17.48 24.36 -35.97
CA ASN A 367 -18.35 23.19 -36.09
C ASN A 367 -18.12 22.15 -34.99
N ARG A 368 -17.13 22.34 -34.11
CA ARG A 368 -16.80 21.34 -33.07
C ARG A 368 -16.67 22.02 -31.70
N PRO A 369 -17.75 22.61 -31.19
CA PRO A 369 -17.62 23.39 -29.95
C PRO A 369 -17.42 22.48 -28.75
N ARG A 370 -16.38 22.76 -27.97
CA ARG A 370 -16.10 22.01 -26.75
C ARG A 370 -15.47 22.95 -25.74
N ILE A 371 -15.77 22.75 -24.45
CA ILE A 371 -15.00 23.40 -23.41
C ILE A 371 -14.37 22.35 -22.50
N ASP A 372 -13.22 22.70 -21.93
CA ASP A 372 -12.48 21.83 -21.03
C ASP A 372 -11.65 22.72 -20.10
N ALA A 373 -11.68 22.40 -18.81
CA ALA A 373 -11.15 23.33 -17.81
C ALA A 373 -9.63 23.38 -17.82
N ILE A 374 -8.98 22.26 -18.14
CA ILE A 374 -7.51 22.26 -18.22
C ILE A 374 -7.05 22.98 -19.49
N VAL A 375 -7.70 22.74 -20.63
CA VAL A 375 -7.46 23.56 -21.81
C VAL A 375 -7.65 25.04 -21.50
N ALA A 376 -8.69 25.36 -20.74
CA ALA A 376 -8.87 26.75 -20.32
C ALA A 376 -7.67 27.22 -19.50
N ILE A 377 -7.22 26.39 -18.56
CA ILE A 377 -6.05 26.77 -17.75
C ILE A 377 -4.85 27.03 -18.66
N ASN A 378 -4.64 26.17 -19.65
CA ASN A 378 -3.43 26.28 -20.44
C ASN A 378 -3.49 27.47 -21.37
N VAL A 379 -4.68 27.78 -21.91
CA VAL A 379 -4.86 29.02 -22.65
C VAL A 379 -4.62 30.22 -21.73
N LEU A 380 -5.17 30.18 -20.52
CA LEU A 380 -4.97 31.32 -19.61
C LEU A 380 -3.49 31.52 -19.30
N TYR A 381 -2.77 30.42 -19.07
CA TYR A 381 -1.33 30.50 -18.85
C TYR A 381 -0.63 31.30 -19.97
N LEU A 382 -0.93 30.98 -21.24
CA LEU A 382 -0.26 31.67 -22.33
C LEU A 382 -0.70 33.13 -22.39
N MET A 383 -1.97 33.40 -22.11
CA MET A 383 -2.47 34.77 -22.05
C MET A 383 -1.66 35.62 -21.08
N HIS A 384 -1.53 35.15 -19.82
CA HIS A 384 -0.81 35.93 -18.82
C HIS A 384 0.67 36.07 -19.18
N GLN A 385 1.23 35.06 -19.82
CA GLN A 385 2.65 35.07 -20.15
C GLN A 385 3.00 36.12 -21.21
N ILE A 386 2.07 36.44 -22.10
CA ILE A 386 2.37 37.30 -23.25
C ILE A 386 1.95 38.74 -23.04
N GLY A 387 1.26 39.06 -21.94
CA GLY A 387 0.74 40.39 -21.71
C GLY A 387 -0.75 40.54 -21.85
N TYR A 388 -1.49 39.45 -22.07
CA TYR A 388 -2.94 39.51 -22.24
C TYR A 388 -3.69 39.33 -20.93
N GLY A 389 -2.99 39.30 -19.79
CA GLY A 389 -3.58 38.88 -18.53
C GLY A 389 -4.71 39.76 -18.03
N GLU A 390 -4.78 41.02 -18.47
CA GLU A 390 -5.85 41.91 -18.04
C GLU A 390 -6.99 42.03 -19.04
N ARG A 391 -6.92 41.34 -20.19
CA ARG A 391 -7.98 41.44 -21.19
C ARG A 391 -9.32 40.96 -20.63
N LYS A 392 -10.33 41.82 -20.74
CA LYS A 392 -11.64 41.56 -20.15
C LYS A 392 -12.33 40.35 -20.75
N GLU A 393 -11.97 39.96 -21.98
CA GLU A 393 -12.59 38.81 -22.63
C GLU A 393 -12.19 37.50 -21.98
N LEU A 394 -11.30 37.51 -21.00
CA LEU A 394 -10.88 36.32 -20.29
C LEU A 394 -11.72 36.03 -19.07
N LYS A 395 -12.61 36.93 -18.68
CA LYS A 395 -13.25 36.82 -17.37
C LYS A 395 -14.05 35.53 -17.25
N GLU A 396 -14.86 35.20 -18.26
CA GLU A 396 -15.73 34.02 -18.17
C GLU A 396 -14.93 32.74 -18.17
N THR A 397 -13.82 32.71 -18.91
CA THR A 397 -12.94 31.53 -18.87
C THR A 397 -12.34 31.36 -17.48
N GLU A 398 -11.89 32.45 -16.87
CA GLU A 398 -11.29 32.34 -15.54
C GLU A 398 -12.34 32.00 -14.49
N ALA A 399 -13.57 32.50 -14.64
CA ALA A 399 -14.62 32.12 -13.70
C ALA A 399 -15.07 30.68 -13.93
N PHE A 400 -14.96 30.17 -15.16
CA PHE A 400 -15.26 28.76 -15.42
C PHE A 400 -14.31 27.85 -14.65
N VAL A 401 -13.00 28.10 -14.77
CA VAL A 401 -11.99 27.32 -14.06
C VAL A 401 -12.16 27.47 -12.55
N PHE A 402 -12.50 28.67 -12.09
CA PHE A 402 -12.64 28.88 -10.67
C PHE A 402 -13.83 28.11 -10.12
N ASP A 403 -14.99 28.24 -10.76
CA ASP A 403 -16.16 27.50 -10.31
C ASP A 403 -15.92 26.00 -10.40
N PHE A 404 -15.19 25.57 -11.44
CA PHE A 404 -14.86 24.15 -11.59
C PHE A 404 -14.09 23.63 -10.40
N LEU A 405 -13.18 24.45 -9.86
CA LEU A 405 -12.49 24.07 -8.64
C LEU A 405 -13.46 24.06 -7.46
N ILE A 406 -14.17 25.17 -7.25
CA ILE A 406 -14.87 25.46 -6.01
C ILE A 406 -16.10 24.59 -5.86
N SER A 407 -16.77 24.27 -6.95
CA SER A 407 -17.93 23.40 -6.94
C SER A 407 -17.58 21.93 -6.74
N LYS A 408 -16.28 21.59 -6.70
CA LYS A 408 -15.79 20.21 -6.64
C LYS A 408 -16.17 19.42 -7.89
N GLU A 409 -16.69 20.08 -8.91
CA GLU A 409 -16.98 19.41 -10.17
C GLU A 409 -15.74 18.74 -10.77
N TYR A 410 -14.54 19.24 -10.43
CA TYR A 410 -13.31 18.67 -10.93
C TYR A 410 -13.08 17.25 -10.43
N LEU A 411 -13.74 16.84 -9.33
CA LEU A 411 -13.67 15.45 -8.91
C LEU A 411 -14.25 14.49 -9.95
N LYS A 412 -14.98 15.00 -10.95
CA LYS A 412 -15.46 14.16 -12.04
C LYS A 412 -14.50 14.11 -13.22
N GLY A 413 -13.31 14.74 -13.13
CA GLY A 413 -12.42 14.87 -14.27
C GLY A 413 -12.94 15.91 -15.26
N THR A 414 -12.21 16.09 -16.35
CA THR A 414 -12.67 16.88 -17.49
C THR A 414 -12.88 15.97 -18.68
N ARG A 415 -13.37 16.54 -19.77
CA ARG A 415 -13.63 15.75 -20.96
C ARG A 415 -12.37 15.02 -21.43
N TYR A 416 -11.22 15.67 -21.38
CA TYR A 416 -10.04 15.04 -21.94
C TYR A 416 -9.09 14.52 -20.87
N TYR A 417 -9.33 14.86 -19.60
CA TYR A 417 -8.43 14.47 -18.52
C TYR A 417 -9.27 13.93 -17.38
N PRO A 418 -9.45 12.60 -17.28
CA PRO A 418 -10.31 12.04 -16.23
C PRO A 418 -9.76 12.16 -14.82
N ALA A 419 -8.44 12.28 -14.62
CA ALA A 419 -7.91 12.20 -13.26
C ALA A 419 -8.01 13.56 -12.58
N PRO A 420 -8.71 13.67 -11.45
CA PRO A 420 -8.90 14.99 -10.84
C PRO A 420 -7.61 15.74 -10.51
N ASP A 421 -6.55 15.06 -10.08
CA ASP A 421 -5.31 15.74 -9.73
C ASP A 421 -4.62 16.40 -10.92
N VAL A 422 -4.97 16.00 -12.15
CA VAL A 422 -4.41 16.67 -13.32
C VAL A 422 -4.88 18.11 -13.38
N PHE A 423 -6.18 18.34 -13.12
CA PHE A 423 -6.73 19.69 -13.08
C PHE A 423 -6.10 20.52 -11.97
N LEU A 424 -5.99 19.94 -10.77
CA LEU A 424 -5.34 20.66 -9.69
C LEU A 424 -3.88 20.97 -10.03
N PHE A 425 -3.18 20.07 -10.73
CA PHE A 425 -1.78 20.30 -11.03
C PHE A 425 -1.61 21.48 -11.98
N PHE A 426 -2.33 21.46 -13.10
CA PHE A 426 -2.21 22.53 -14.07
C PHE A 426 -2.71 23.85 -13.49
N LEU A 427 -3.76 23.79 -12.67
CA LEU A 427 -4.18 25.00 -11.98
C LEU A 427 -3.04 25.55 -11.14
N SER A 428 -2.31 24.67 -10.46
CA SER A 428 -1.24 25.15 -9.58
C SER A 428 -0.11 25.79 -10.38
N ARG A 429 0.18 25.31 -11.60
CA ARG A 429 1.15 25.99 -12.47
C ARG A 429 0.74 27.44 -12.70
N LEU A 430 -0.48 27.65 -13.19
CA LEU A 430 -0.97 28.98 -13.48
C LEU A 430 -0.94 29.87 -12.23
N VAL A 431 -1.50 29.37 -11.14
CA VAL A 431 -1.72 30.18 -9.95
C VAL A 431 -0.39 30.53 -9.28
N VAL A 432 0.55 29.60 -9.23
CA VAL A 432 1.82 29.93 -8.59
C VAL A 432 2.67 30.81 -9.50
N ASP A 433 2.60 30.61 -10.83
CA ASP A 433 3.45 31.37 -11.74
C ASP A 433 2.96 32.79 -11.99
N PHE A 434 1.67 33.07 -11.76
CA PHE A 434 1.11 34.41 -11.91
C PHE A 434 0.34 34.78 -10.64
N PRO A 435 1.04 34.85 -9.50
CA PRO A 435 0.35 34.90 -8.21
C PRO A 435 -0.42 36.19 -7.95
N ASP A 436 0.03 37.34 -8.49
CA ASP A 436 -0.74 38.55 -8.26
C ASP A 436 -2.09 38.52 -8.97
N GLN A 437 -2.23 37.77 -10.06
CA GLN A 437 -3.51 37.70 -10.77
C GLN A 437 -4.42 36.58 -10.27
N PHE A 438 -3.92 35.63 -9.48
CA PHE A 438 -4.73 34.48 -9.10
C PHE A 438 -4.74 34.27 -7.60
N GLU A 439 -4.66 35.36 -6.83
CA GLU A 439 -4.61 35.28 -5.38
C GLU A 439 -5.80 34.51 -4.83
N LYS A 440 -7.02 34.82 -5.31
CA LYS A 440 -8.20 34.16 -4.79
C LYS A 440 -8.24 32.67 -5.10
N PHE A 441 -7.36 32.15 -5.96
CA PHE A 441 -7.34 30.72 -6.20
C PHE A 441 -6.51 29.96 -5.17
N HIS A 442 -5.53 30.63 -4.55
CA HIS A 442 -4.47 29.95 -3.80
C HIS A 442 -5.04 29.09 -2.68
N LYS A 443 -5.78 29.69 -1.75
CA LYS A 443 -6.24 28.94 -0.58
C LYS A 443 -7.25 27.85 -0.93
N PRO A 444 -8.27 28.10 -1.77
CA PRO A 444 -9.17 26.99 -2.12
C PRO A 444 -8.47 25.84 -2.79
N LEU A 445 -7.48 26.13 -3.64
CA LEU A 445 -6.76 25.07 -4.33
C LEU A 445 -5.90 24.28 -3.36
N THR A 446 -5.24 24.99 -2.44
CA THR A 446 -4.48 24.30 -1.41
C THR A 446 -5.39 23.42 -0.55
N GLU A 447 -6.55 23.95 -0.17
CA GLU A 447 -7.52 23.17 0.60
C GLU A 447 -7.85 21.85 -0.10
N MET A 448 -8.19 21.91 -1.38
CA MET A 448 -8.56 20.71 -2.13
C MET A 448 -7.41 19.72 -2.19
N LEU A 449 -6.21 20.21 -2.53
CA LEU A 449 -5.06 19.31 -2.66
C LEU A 449 -4.79 18.57 -1.36
N ILE A 450 -4.92 19.25 -0.22
CA ILE A 450 -4.67 18.61 1.08
C ILE A 450 -5.60 17.42 1.28
N THR A 451 -6.87 17.56 0.91
CA THR A 451 -7.80 16.44 1.06
C THR A 451 -7.42 15.25 0.18
N ARG A 452 -6.57 15.44 -0.83
CA ARG A 452 -6.28 14.38 -1.78
C ARG A 452 -4.95 13.70 -1.51
N VAL A 453 -4.22 14.15 -0.49
CA VAL A 453 -2.94 13.57 -0.15
C VAL A 453 -3.12 12.08 0.06
N ASN A 454 -2.38 11.29 -0.72
CA ASN A 454 -2.34 9.83 -0.56
C ASN A 454 -3.70 9.19 -0.87
N CYS A 455 -4.52 9.83 -1.69
CA CYS A 455 -5.85 9.32 -2.00
C CYS A 455 -5.87 8.34 -3.17
N SER A 456 -4.77 8.15 -3.89
CA SER A 456 -4.75 7.20 -4.99
C SER A 456 -3.35 6.60 -5.09
N THR A 457 -3.26 5.47 -5.78
CA THR A 457 -2.01 4.72 -5.86
C THR A 457 -1.24 4.94 -7.16
N PHE A 458 -1.82 5.60 -8.14
CA PHE A 458 -1.10 5.73 -9.42
C PHE A 458 0.11 6.65 -9.26
N PRO A 459 1.31 6.20 -9.65
CA PRO A 459 2.52 7.02 -9.44
C PRO A 459 2.44 8.42 -10.03
N LEU A 460 1.95 8.55 -11.26
CA LEU A 460 1.88 9.88 -11.87
C LEU A 460 0.98 10.80 -11.04
N GLU A 461 -0.13 10.26 -10.52
CA GLU A 461 -1.04 11.05 -9.70
C GLU A 461 -0.39 11.47 -8.38
N ARG A 462 0.35 10.57 -7.74
CA ARG A 462 1.15 10.96 -6.58
C ARG A 462 2.08 12.13 -6.91
N ALA A 463 2.77 12.03 -8.05
CA ALA A 463 3.73 13.05 -8.45
C ALA A 463 3.05 14.41 -8.65
N LEU A 464 1.89 14.43 -9.34
CA LEU A 464 1.15 15.69 -9.50
C LEU A 464 0.84 16.34 -8.16
N ARG A 465 0.37 15.54 -7.20
CA ARG A 465 0.02 16.07 -5.89
C ARG A 465 1.25 16.60 -5.15
N ILE A 466 2.38 15.90 -5.27
CA ILE A 466 3.60 16.37 -4.60
C ILE A 466 4.02 17.70 -5.18
N ILE A 467 4.12 17.76 -6.50
CA ILE A 467 4.58 18.98 -7.17
C ILE A 467 3.66 20.14 -6.83
N ALA A 468 2.35 19.94 -6.95
CA ALA A 468 1.42 21.03 -6.77
C ALA A 468 1.43 21.55 -5.33
N LEU A 469 1.44 20.64 -4.34
CA LEU A 469 1.42 21.08 -2.94
C LEU A 469 2.70 21.81 -2.56
N LYS A 470 3.85 21.35 -3.07
CA LYS A 470 5.10 22.04 -2.76
C LYS A 470 5.11 23.45 -3.34
N LYS A 471 4.61 23.63 -4.56
CA LYS A 471 4.51 24.98 -5.10
C LYS A 471 3.61 25.84 -4.21
N LEU A 472 2.67 25.23 -3.50
CA LEU A 472 1.80 25.97 -2.60
C LEU A 472 2.31 26.00 -1.17
N GLY A 473 3.55 25.55 -0.94
CA GLY A 473 4.19 25.69 0.35
C GLY A 473 3.98 24.55 1.32
N ILE A 474 3.43 23.40 0.86
CA ILE A 474 3.12 22.29 1.74
C ILE A 474 3.90 21.04 1.27
N VAL A 475 4.63 20.43 2.20
CA VAL A 475 5.47 19.28 1.89
C VAL A 475 4.64 18.01 2.05
N ASN A 476 4.46 17.29 0.94
CA ASN A 476 3.68 16.06 0.86
C ASN A 476 4.66 14.91 0.77
N ARG A 477 5.19 14.48 1.93
CA ARG A 477 6.20 13.43 1.92
C ARG A 477 5.60 12.03 1.77
N VAL A 478 4.36 11.83 2.20
CA VAL A 478 3.69 10.53 2.08
C VAL A 478 3.67 10.09 0.61
N ASP A 479 3.03 10.87 -0.25
CA ASP A 479 2.98 10.53 -1.66
C ASP A 479 4.37 10.34 -2.23
N PHE A 480 5.35 11.12 -1.73
CA PHE A 480 6.72 11.02 -2.19
C PHE A 480 7.30 9.65 -1.88
N LEU A 481 7.18 9.20 -0.63
CA LEU A 481 7.75 7.90 -0.25
C LEU A 481 7.11 6.78 -1.04
N LYS A 482 5.79 6.84 -1.22
CA LYS A 482 5.10 5.83 -2.00
C LYS A 482 5.45 5.93 -3.48
N LEU A 483 5.70 7.13 -3.99
CA LEU A 483 6.16 7.28 -5.38
C LEU A 483 7.50 6.58 -5.59
N LEU A 484 8.43 6.73 -4.64
CA LEU A 484 9.74 6.09 -4.76
C LEU A 484 9.64 4.57 -4.90
N ASP A 485 8.67 3.96 -4.23
CA ASP A 485 8.56 2.51 -4.19
C ASP A 485 8.02 1.88 -5.46
N THR A 486 7.52 2.67 -6.41
CA THR A 486 6.99 2.12 -7.65
C THR A 486 7.87 2.38 -8.86
N GLN A 487 9.07 2.95 -8.65
CA GLN A 487 10.05 3.00 -9.71
C GLN A 487 10.48 1.59 -10.08
N LEU A 488 10.49 1.28 -11.37
CA LEU A 488 11.02 -0.01 -11.78
C LEU A 488 12.55 0.03 -11.84
N ALA A 489 13.14 -1.17 -11.99
CA ALA A 489 14.57 -1.35 -11.79
C ALA A 489 15.41 -0.64 -12.85
N ASP A 490 14.87 -0.37 -14.04
CA ASP A 490 15.59 0.37 -15.06
C ASP A 490 15.52 1.88 -14.88
N GLY A 491 14.89 2.37 -13.82
CA GLY A 491 14.77 3.80 -13.56
C GLY A 491 13.45 4.41 -14.03
N GLY A 492 12.72 3.76 -14.92
CA GLY A 492 11.47 4.32 -15.39
C GLY A 492 10.32 3.97 -14.47
N TRP A 493 9.30 4.82 -14.44
CA TRP A 493 8.03 4.52 -13.78
C TRP A 493 7.09 3.84 -14.76
N PRO A 494 5.97 3.29 -14.29
CA PRO A 494 5.05 2.61 -15.21
C PRO A 494 4.29 3.61 -16.07
N VAL A 495 3.89 3.17 -17.26
CA VAL A 495 3.05 3.95 -18.15
C VAL A 495 1.71 4.31 -17.46
N TYR A 496 1.14 5.45 -17.82
CA TYR A 496 -0.08 5.95 -17.24
C TYR A 496 -0.84 6.78 -18.27
N GLY A 497 -2.17 6.61 -18.32
CA GLY A 497 -2.99 7.31 -19.30
C GLY A 497 -3.34 8.71 -18.85
N LEU A 498 -2.58 9.71 -19.34
CA LEU A 498 -2.71 11.08 -18.84
C LEU A 498 -3.93 11.78 -19.42
N PHE A 499 -4.24 11.54 -20.68
CA PHE A 499 -5.36 12.17 -21.34
C PHE A 499 -5.99 11.15 -22.28
N ILE A 500 -7.17 11.51 -22.78
CA ILE A 500 -8.10 10.54 -23.30
C ILE A 500 -8.73 11.12 -24.57
N ALA A 501 -8.86 10.27 -25.59
CA ALA A 501 -9.69 10.61 -26.74
C ALA A 501 -11.11 10.14 -26.40
N PRO A 502 -11.97 11.03 -25.91
CA PRO A 502 -13.19 10.58 -25.24
C PRO A 502 -14.11 9.72 -26.09
N ARG A 503 -14.23 9.98 -27.39
CA ARG A 503 -15.15 9.20 -28.23
C ARG A 503 -14.81 7.72 -28.23
N SER A 504 -13.58 7.37 -28.60
CA SER A 504 -13.14 5.98 -28.59
C SER A 504 -12.69 5.50 -27.21
N ASN A 505 -12.79 6.36 -26.19
CA ASN A 505 -12.35 6.02 -24.84
C ASN A 505 -10.91 5.49 -24.84
N THR A 506 -10.07 6.12 -25.66
CA THR A 506 -8.67 5.75 -25.79
C THR A 506 -7.80 6.57 -24.84
N TYR A 507 -7.03 5.88 -23.99
CA TYR A 507 -6.02 6.54 -23.16
C TYR A 507 -4.69 6.65 -23.91
N PHE A 508 -4.01 7.77 -23.71
CA PHE A 508 -2.66 7.98 -24.21
C PHE A 508 -1.71 8.09 -23.03
N GLY A 509 -0.52 7.52 -23.17
CA GLY A 509 0.50 7.73 -22.15
C GLY A 509 1.80 7.05 -22.54
N SER A 510 2.78 7.18 -21.65
CA SER A 510 4.09 6.60 -21.86
C SER A 510 4.84 6.56 -20.52
N ARG A 511 5.84 5.68 -20.47
CA ARG A 511 6.78 5.70 -19.36
C ARG A 511 7.55 7.02 -19.28
N GLU A 512 7.77 7.67 -20.42
CA GLU A 512 8.44 8.97 -20.42
C GLU A 512 7.63 9.99 -19.64
N LEU A 513 6.32 10.06 -19.90
CA LEU A 513 5.45 10.97 -19.15
C LEU A 513 5.48 10.67 -17.66
N SER A 514 5.29 9.40 -17.30
CA SER A 514 5.27 9.06 -15.88
C SER A 514 6.60 9.40 -15.22
N THR A 515 7.71 9.11 -15.91
CA THR A 515 9.01 9.31 -15.30
C THR A 515 9.34 10.79 -15.19
N ALA A 516 8.85 11.59 -16.16
CA ALA A 516 9.07 13.03 -16.14
C ALA A 516 8.36 13.69 -14.96
N PHE A 517 7.12 13.29 -14.69
CA PHE A 517 6.41 13.85 -13.54
C PHE A 517 7.00 13.36 -12.24
N ALA A 518 7.45 12.09 -12.21
CA ALA A 518 8.02 11.54 -10.98
C ALA A 518 9.35 12.20 -10.64
N LEU A 519 10.20 12.41 -11.66
CA LEU A 519 11.51 13.03 -11.41
C LEU A 519 11.35 14.48 -10.96
N GLU A 520 10.37 15.19 -11.55
CA GLU A 520 10.10 16.55 -11.10
C GLU A 520 9.63 16.56 -9.65
N ALA A 521 8.77 15.61 -9.28
CA ALA A 521 8.37 15.51 -7.87
C ALA A 521 9.58 15.20 -6.99
N LEU A 522 10.47 14.31 -7.46
CA LEU A 522 11.68 14.00 -6.71
C LEU A 522 12.56 15.23 -6.54
N HIS A 523 12.78 15.95 -7.63
CA HIS A 523 13.64 17.13 -7.55
C HIS A 523 13.01 18.18 -6.65
N ILE A 524 11.71 18.39 -6.76
CA ILE A 524 11.09 19.50 -6.04
C ILE A 524 11.08 19.24 -4.55
N LEU A 525 11.28 18.01 -4.11
CA LEU A 525 11.29 17.67 -2.69
C LEU A 525 12.68 17.28 -2.20
N SER A 526 13.72 17.69 -2.92
CA SER A 526 15.10 17.57 -2.45
C SER A 526 15.89 18.74 -3.04
N SER B 21 24.57 -40.35 -5.34
CA SER B 21 26.03 -40.29 -5.28
C SER B 21 26.55 -40.58 -3.88
N GLN B 22 27.79 -41.06 -3.80
CA GLN B 22 28.44 -41.23 -2.51
C GLN B 22 28.77 -39.89 -1.86
N ILE B 23 28.82 -38.82 -2.65
CA ILE B 23 29.15 -37.49 -2.13
C ILE B 23 28.01 -36.96 -1.27
N LEU B 24 26.80 -36.92 -1.83
CA LEU B 24 25.72 -36.21 -1.17
C LEU B 24 25.31 -36.89 0.13
N ASP B 25 25.55 -38.21 0.24
CA ASP B 25 25.23 -38.90 1.48
C ASP B 25 26.11 -38.45 2.64
N ARG B 26 27.18 -37.71 2.39
CA ARG B 26 27.96 -37.18 3.50
C ARG B 26 27.30 -35.96 4.15
N TYR B 27 26.24 -35.42 3.56
CA TYR B 27 25.63 -34.17 4.00
C TYR B 27 24.23 -34.42 4.58
N ASP B 28 23.90 -33.67 5.64
CA ASP B 28 22.57 -33.70 6.21
C ASP B 28 21.57 -32.93 5.35
N THR B 29 22.01 -31.85 4.70
CA THR B 29 21.11 -30.91 4.04
C THR B 29 21.59 -30.65 2.62
N ILE B 30 20.69 -30.79 1.66
CA ILE B 30 21.01 -30.53 0.26
C ILE B 30 20.06 -29.46 -0.23
N VAL B 31 20.60 -28.41 -0.83
CA VAL B 31 19.81 -27.33 -1.41
C VAL B 31 19.89 -27.47 -2.93
N PHE B 32 18.72 -27.55 -3.58
CA PHE B 32 18.60 -27.70 -5.03
C PHE B 32 18.24 -26.38 -5.68
N ASP B 33 18.92 -26.07 -6.77
CA ASP B 33 18.43 -25.09 -7.72
C ASP B 33 17.47 -25.76 -8.70
N LEU B 34 16.50 -24.99 -9.20
CA LEU B 34 15.56 -25.51 -10.18
C LEU B 34 16.10 -25.45 -11.61
N GLY B 35 16.56 -24.27 -12.05
CA GLY B 35 16.84 -24.06 -13.46
C GLY B 35 18.13 -24.74 -13.88
N ASP B 36 18.05 -25.51 -14.97
CA ASP B 36 19.18 -26.27 -15.51
C ASP B 36 19.77 -27.20 -14.45
N VAL B 37 18.93 -27.63 -13.51
CA VAL B 37 19.30 -28.66 -12.55
C VAL B 37 18.17 -29.68 -12.54
N LEU B 38 16.98 -29.24 -12.17
CA LEU B 38 15.79 -30.09 -12.19
C LEU B 38 14.95 -29.90 -13.44
N LEU B 39 15.02 -28.73 -14.08
CA LEU B 39 14.32 -28.49 -15.33
C LEU B 39 15.35 -28.03 -16.37
N HIS B 40 15.11 -28.36 -17.63
CA HIS B 40 16.07 -28.01 -18.68
C HIS B 40 15.40 -27.25 -19.83
N ASP B 55 14.84 -14.28 -29.13
CA ASP B 55 15.51 -14.86 -27.97
C ASP B 55 14.94 -14.31 -26.67
N VAL B 56 14.27 -15.17 -25.90
CA VAL B 56 13.72 -14.75 -24.60
C VAL B 56 14.78 -14.37 -23.59
N ARG B 57 16.06 -14.60 -23.92
CA ARG B 57 17.13 -14.22 -23.00
C ARG B 57 17.24 -12.71 -22.85
N LYS B 58 16.90 -11.95 -23.90
CA LYS B 58 16.93 -10.50 -23.79
C LYS B 58 15.86 -10.01 -22.83
N MET B 59 14.78 -10.77 -22.65
CA MET B 59 13.76 -10.39 -21.69
C MET B 59 14.20 -10.71 -20.26
N VAL B 60 14.63 -11.94 -20.00
CA VAL B 60 14.89 -12.34 -18.62
C VAL B 60 16.15 -11.68 -18.08
N LYS B 61 17.01 -11.15 -18.94
CA LYS B 61 18.18 -10.39 -18.47
C LYS B 61 17.86 -8.93 -18.18
N HIS B 62 16.73 -8.44 -18.66
CA HIS B 62 16.40 -7.03 -18.48
C HIS B 62 16.15 -6.74 -16.99
N PRO B 63 16.56 -5.56 -16.51
CA PRO B 63 16.33 -5.25 -15.08
C PRO B 63 14.87 -5.38 -14.65
N VAL B 64 13.92 -5.04 -15.52
CA VAL B 64 12.50 -5.15 -15.15
C VAL B 64 12.16 -6.60 -14.82
N TRP B 65 12.75 -7.55 -15.55
CA TRP B 65 12.48 -8.94 -15.24
C TRP B 65 12.89 -9.29 -13.82
N GLN B 66 13.92 -8.62 -13.30
CA GLN B 66 14.33 -8.85 -11.93
C GLN B 66 13.29 -8.35 -10.93
N ASP B 67 12.62 -7.24 -11.24
CA ASP B 67 11.48 -6.83 -10.41
C ASP B 67 10.42 -7.92 -10.40
N LEU B 68 10.15 -8.52 -11.57
CA LEU B 68 9.21 -9.62 -11.65
C LEU B 68 9.70 -10.81 -10.83
N GLU B 69 10.96 -11.19 -11.00
CA GLU B 69 11.49 -12.32 -10.25
C GLU B 69 11.38 -12.10 -8.75
N LYS B 70 11.58 -10.86 -8.30
CA LYS B 70 11.53 -10.51 -6.88
C LYS B 70 10.10 -10.41 -6.34
N GLY B 71 9.09 -10.59 -7.17
CA GLY B 71 7.73 -10.42 -6.73
C GLY B 71 7.28 -9.00 -6.56
N LEU B 72 8.06 -8.02 -7.04
CA LEU B 72 7.69 -6.61 -6.91
C LEU B 72 6.54 -6.22 -7.84
N ILE B 73 6.40 -6.88 -8.98
CA ILE B 73 5.34 -6.58 -9.93
C ILE B 73 4.80 -7.91 -10.45
N ASN B 74 3.69 -7.85 -11.17
CA ASN B 74 3.17 -9.05 -11.81
C ASN B 74 3.57 -9.08 -13.27
N GLN B 75 3.28 -10.20 -13.93
CA GLN B 75 3.69 -10.38 -15.32
C GLN B 75 3.01 -9.39 -16.26
N GLU B 76 1.75 -9.05 -15.98
CA GLU B 76 1.03 -8.10 -16.83
C GLU B 76 1.77 -6.77 -16.89
N PHE B 77 2.14 -6.25 -15.73
CA PHE B 77 2.83 -4.97 -15.69
C PHE B 77 4.25 -5.11 -16.22
N ALA B 78 4.90 -6.24 -15.96
CA ALA B 78 6.26 -6.46 -16.46
C ALA B 78 6.30 -6.58 -17.98
N LEU B 79 5.29 -7.23 -18.58
CA LEU B 79 5.23 -7.32 -20.03
C LEU B 79 4.91 -5.97 -20.65
N THR B 80 4.08 -5.17 -19.98
CA THR B 80 3.81 -3.83 -20.50
C THR B 80 5.09 -3.02 -20.58
N ALA B 81 5.87 -2.99 -19.49
CA ALA B 81 7.11 -2.23 -19.51
C ALA B 81 8.07 -2.78 -20.56
N LEU B 82 8.30 -4.10 -20.52
CA LEU B 82 9.23 -4.73 -21.45
C LEU B 82 8.77 -4.59 -22.89
N SER B 83 7.47 -4.42 -23.09
CA SER B 83 6.99 -4.14 -24.44
C SER B 83 7.57 -2.83 -24.96
N CYS B 84 7.71 -1.85 -24.08
CA CYS B 84 8.28 -0.57 -24.44
C CYS B 84 9.80 -0.65 -24.60
N GLU B 85 10.49 -1.20 -23.61
CA GLU B 85 11.95 -1.22 -23.66
C GLU B 85 12.46 -2.14 -24.76
N LEU B 86 11.82 -3.28 -24.97
CA LEU B 86 12.26 -4.21 -25.99
C LEU B 86 11.67 -3.93 -27.36
N GLU B 87 10.81 -2.90 -27.49
CA GLU B 87 10.21 -2.50 -28.76
C GLU B 87 9.62 -3.71 -29.48
N THR B 88 8.83 -4.48 -28.73
CA THR B 88 8.21 -5.70 -29.19
C THR B 88 6.77 -5.65 -28.73
N PRO B 89 5.80 -5.97 -29.59
CA PRO B 89 4.41 -6.03 -29.15
C PRO B 89 4.29 -6.92 -27.92
N CYS B 90 3.52 -6.43 -26.94
CA CYS B 90 3.38 -7.13 -25.67
C CYS B 90 2.96 -8.58 -25.88
N SER B 91 2.03 -8.83 -26.81
CA SER B 91 1.54 -10.18 -27.05
C SER B 91 2.66 -11.10 -27.54
N LYS B 92 3.59 -10.57 -28.35
CA LYS B 92 4.72 -11.38 -28.79
C LYS B 92 5.60 -11.79 -27.62
N LEU B 93 5.84 -10.88 -26.66
CA LEU B 93 6.60 -11.24 -25.46
C LEU B 93 5.86 -12.29 -24.66
N LYS B 94 4.54 -12.19 -24.58
CA LYS B 94 3.75 -13.18 -23.84
C LYS B 94 3.87 -14.56 -24.46
N GLU B 95 3.75 -14.63 -25.79
CA GLU B 95 3.89 -15.91 -26.48
C GLU B 95 5.30 -16.45 -26.33
N MET B 96 6.31 -15.58 -26.47
CA MET B 96 7.68 -16.03 -26.27
C MET B 96 7.89 -16.58 -24.87
N LEU B 97 7.27 -15.95 -23.87
CA LEU B 97 7.41 -16.43 -22.51
C LEU B 97 6.61 -17.71 -22.29
N GLU B 98 5.34 -17.70 -22.70
CA GLU B 98 4.51 -18.91 -22.63
C GLU B 98 5.22 -20.08 -23.30
N LEU B 99 5.70 -19.89 -24.52
CA LEU B 99 6.44 -20.94 -25.21
C LEU B 99 7.64 -21.39 -24.38
N SER B 100 8.37 -20.42 -23.81
CA SER B 100 9.60 -20.76 -23.10
C SER B 100 9.32 -21.57 -21.84
N ILE B 101 8.22 -21.28 -21.15
CA ILE B 101 7.89 -22.02 -19.93
C ILE B 101 7.47 -23.44 -20.28
N ALA B 102 6.60 -23.59 -21.29
CA ALA B 102 6.09 -24.91 -21.66
C ALA B 102 7.17 -25.80 -22.24
N SER B 103 8.19 -25.21 -22.88
CA SER B 103 9.32 -26.01 -23.36
C SER B 103 10.16 -26.60 -22.24
N LEU B 104 9.83 -26.37 -20.97
CA LEU B 104 10.59 -26.92 -19.87
C LEU B 104 10.31 -28.41 -19.70
N GLN B 105 11.38 -29.19 -19.55
CA GLN B 105 11.25 -30.63 -19.37
C GLN B 105 12.08 -31.05 -18.15
N VAL B 106 11.52 -31.97 -17.37
CA VAL B 106 12.22 -32.48 -16.20
C VAL B 106 13.56 -33.09 -16.62
N ASN B 107 14.53 -32.99 -15.72
CA ASN B 107 15.82 -33.64 -15.84
C ASN B 107 15.76 -34.96 -15.08
N PRO B 108 15.60 -36.10 -15.76
CA PRO B 108 15.35 -37.37 -15.04
C PRO B 108 16.48 -37.81 -14.12
N LEU B 109 17.73 -37.53 -14.44
CA LEU B 109 18.81 -37.89 -13.51
C LEU B 109 18.66 -37.16 -12.18
N MET B 110 18.45 -35.84 -12.24
CA MET B 110 18.40 -35.04 -11.01
C MET B 110 17.17 -35.39 -10.17
N VAL B 111 16.01 -35.58 -10.80
CA VAL B 111 14.81 -35.91 -10.04
C VAL B 111 15.02 -37.19 -9.24
N GLU B 112 15.55 -38.23 -9.90
CA GLU B 112 15.84 -39.47 -9.19
C GLU B 112 16.83 -39.24 -8.05
N VAL B 113 17.83 -38.38 -8.26
CA VAL B 113 18.77 -38.05 -7.18
C VAL B 113 18.01 -37.44 -6.01
N LEU B 114 17.18 -36.43 -6.30
CA LEU B 114 16.28 -35.85 -5.30
C LEU B 114 15.52 -36.94 -4.54
N ARG B 115 14.98 -37.91 -5.28
CA ARG B 115 14.15 -38.94 -4.67
C ARG B 115 14.95 -39.79 -3.69
N VAL B 116 16.16 -40.20 -4.07
CA VAL B 116 16.94 -41.06 -3.18
C VAL B 116 17.32 -40.30 -1.92
N LEU B 117 17.63 -39.01 -2.04
CA LEU B 117 17.96 -38.23 -0.85
C LEU B 117 16.76 -38.14 0.08
N HIS B 118 15.58 -37.89 -0.48
CA HIS B 118 14.34 -37.89 0.30
C HIS B 118 14.18 -39.19 1.08
N LYS B 119 14.35 -40.33 0.41
CA LYS B 119 14.25 -41.62 1.10
C LYS B 119 15.28 -41.73 2.21
N LYS B 120 16.46 -41.18 2.01
CA LYS B 120 17.48 -41.23 3.07
C LYS B 120 17.16 -40.28 4.22
N ASP B 121 15.99 -39.64 4.22
CA ASP B 121 15.56 -38.72 5.28
C ASP B 121 16.48 -37.50 5.38
N LYS B 122 17.03 -37.05 4.27
CA LYS B 122 17.78 -35.79 4.28
C LYS B 122 16.82 -34.61 4.44
N GLN B 123 17.36 -33.49 4.91
CA GLN B 123 16.65 -32.21 4.80
C GLN B 123 16.94 -31.65 3.42
N ILE B 124 15.90 -31.41 2.62
CA ILE B 124 16.07 -30.98 1.25
C ILE B 124 15.32 -29.68 1.00
N TYR B 125 15.99 -28.74 0.34
CA TYR B 125 15.41 -27.43 0.10
C TYR B 125 15.59 -27.06 -1.35
N CYS B 126 14.66 -26.26 -1.83
CA CYS B 126 14.71 -25.71 -3.17
C CYS B 126 14.91 -24.21 -3.03
N LEU B 127 15.88 -23.67 -3.78
CA LEU B 127 16.20 -22.24 -3.76
C LEU B 127 16.44 -21.78 -5.18
N SER B 128 15.53 -20.97 -5.71
CA SER B 128 15.51 -20.72 -7.15
C SER B 128 14.87 -19.36 -7.43
N ASN B 129 15.35 -18.71 -8.47
CA ASN B 129 14.73 -17.49 -8.98
C ASN B 129 13.60 -17.87 -9.92
N VAL B 130 12.39 -17.41 -9.63
CA VAL B 130 11.27 -17.58 -10.55
C VAL B 130 10.14 -16.64 -10.12
N ASP B 131 9.50 -15.99 -11.10
CA ASP B 131 8.36 -15.14 -10.80
C ASP B 131 7.17 -16.00 -10.35
N LEU B 132 6.19 -15.34 -9.75
CA LEU B 132 5.12 -16.04 -9.05
C LEU B 132 4.26 -16.87 -9.99
N GLU B 133 3.84 -16.27 -11.11
CA GLU B 133 2.96 -16.99 -12.02
C GLU B 133 3.68 -18.16 -12.67
N SER B 134 4.93 -17.96 -13.10
CA SER B 134 5.71 -19.10 -13.56
C SER B 134 5.80 -20.17 -12.48
N PHE B 135 5.95 -19.75 -11.22
CA PHE B 135 6.04 -20.74 -10.15
C PHE B 135 4.72 -21.50 -10.01
N SER B 136 3.60 -20.82 -10.18
CA SER B 136 2.31 -21.50 -10.23
C SER B 136 2.28 -22.56 -11.33
N TYR B 137 2.63 -22.17 -12.57
CA TYR B 137 2.59 -23.13 -13.67
C TYR B 137 3.47 -24.34 -13.36
N LEU B 138 4.68 -24.10 -12.83
CA LEU B 138 5.63 -25.19 -12.65
C LEU B 138 5.20 -26.11 -11.52
N TYR B 139 4.63 -25.54 -10.46
CA TYR B 139 4.12 -26.36 -9.38
C TYR B 139 2.99 -27.27 -9.87
N LYS B 140 2.07 -26.75 -10.68
CA LYS B 140 1.00 -27.57 -11.25
C LYS B 140 1.58 -28.64 -12.16
N GLN B 141 2.56 -28.27 -12.99
CA GLN B 141 2.98 -29.09 -14.12
C GLN B 141 3.87 -30.25 -13.70
N PHE B 142 4.67 -30.09 -12.66
CA PHE B 142 5.59 -31.15 -12.26
C PHE B 142 5.24 -31.62 -10.87
N ASP B 143 5.94 -32.65 -10.42
CA ASP B 143 5.51 -33.38 -9.24
C ASP B 143 6.68 -33.81 -8.35
N PHE B 144 7.87 -33.23 -8.51
CA PHE B 144 8.97 -33.55 -7.60
C PHE B 144 8.96 -32.69 -6.36
N TRP B 145 8.10 -31.67 -6.33
CA TRP B 145 8.02 -30.74 -5.20
C TRP B 145 7.88 -31.46 -3.88
N LYS B 146 7.24 -32.63 -3.88
CA LYS B 146 6.97 -33.34 -2.64
C LYS B 146 8.24 -33.77 -1.92
N TYR B 147 9.36 -33.89 -2.63
CA TYR B 147 10.58 -34.31 -1.98
C TYR B 147 11.22 -33.21 -1.14
N PHE B 148 10.75 -31.97 -1.27
CA PHE B 148 11.36 -30.85 -0.56
C PHE B 148 10.76 -30.68 0.83
N ASP B 149 11.62 -30.45 1.81
CA ASP B 149 11.17 -29.98 3.12
C ASP B 149 10.77 -28.50 3.11
N GLY B 150 11.25 -27.72 2.14
CA GLY B 150 10.96 -26.29 2.11
C GLY B 150 11.32 -25.69 0.77
N ILE B 151 10.43 -24.87 0.22
CA ILE B 151 10.63 -24.27 -1.11
C ILE B 151 10.82 -22.77 -0.91
N TYR B 152 11.95 -22.26 -1.40
CA TYR B 152 12.33 -20.84 -1.28
C TYR B 152 12.46 -20.26 -2.68
N VAL B 153 11.43 -19.55 -3.11
CA VAL B 153 11.31 -19.05 -4.48
C VAL B 153 11.41 -17.54 -4.44
N SER B 154 12.12 -16.96 -5.41
CA SER B 154 12.46 -15.54 -5.35
C SER B 154 11.23 -14.66 -5.21
N ALA B 155 10.14 -14.97 -5.92
CA ALA B 155 8.98 -14.09 -5.93
C ALA B 155 8.22 -14.13 -4.60
N LEU B 156 8.42 -15.15 -3.77
CA LEU B 156 7.81 -15.18 -2.46
C LEU B 156 8.69 -14.59 -1.37
N LEU B 157 9.96 -14.36 -1.67
CA LEU B 157 10.93 -13.85 -0.70
C LEU B 157 11.24 -12.36 -0.88
N GLN B 158 10.93 -11.79 -2.04
CA GLN B 158 11.44 -10.49 -2.47
C GLN B 158 12.97 -10.44 -2.35
N LEU B 159 13.62 -11.49 -2.84
CA LEU B 159 15.07 -11.61 -2.82
C LEU B 159 15.49 -12.51 -3.99
N ARG B 160 16.64 -12.20 -4.60
CA ARG B 160 17.12 -12.93 -5.77
C ARG B 160 18.45 -13.60 -5.48
N LYS B 161 18.70 -14.69 -6.20
CA LYS B 161 19.62 -15.72 -5.74
C LYS B 161 21.11 -15.39 -5.72
N PRO B 162 21.67 -14.54 -6.59
CA PRO B 162 23.09 -14.20 -6.39
C PRO B 162 23.31 -13.41 -5.10
N ASN B 163 22.30 -12.62 -4.70
CA ASN B 163 22.42 -11.73 -3.55
C ASN B 163 22.64 -12.53 -2.26
N PRO B 164 23.70 -12.25 -1.51
CA PRO B 164 23.93 -13.00 -0.27
C PRO B 164 22.76 -12.93 0.71
N ASP B 165 21.95 -11.87 0.64
CA ASP B 165 20.78 -11.77 1.50
C ASP B 165 19.87 -12.99 1.37
N ILE B 166 19.72 -13.54 0.16
CA ILE B 166 18.83 -14.68 0.03
C ILE B 166 19.43 -15.93 0.68
N PHE B 167 20.75 -16.09 0.59
CA PHE B 167 21.39 -17.20 1.30
C PHE B 167 21.26 -17.07 2.81
N GLN B 168 21.46 -15.85 3.33
CA GLN B 168 21.32 -15.64 4.76
C GLN B 168 19.88 -15.80 5.20
N TYR B 169 18.93 -15.38 4.36
CA TYR B 169 17.54 -15.64 4.71
C TYR B 169 17.28 -17.14 4.81
N LEU B 170 17.75 -17.90 3.82
CA LEU B 170 17.53 -19.35 3.82
C LEU B 170 18.13 -20.00 5.07
N ILE B 171 19.37 -19.63 5.42
CA ILE B 171 20.12 -20.33 6.46
C ILE B 171 19.46 -20.11 7.82
N SER B 172 19.11 -18.86 8.13
CA SER B 172 18.55 -18.62 9.45
C SER B 172 17.11 -19.11 9.55
N SER B 173 16.33 -18.92 8.48
CA SER B 173 14.93 -19.34 8.53
C SER B 173 14.81 -20.85 8.60
N ALA B 174 15.69 -21.58 7.92
CA ALA B 174 15.66 -23.03 8.01
C ALA B 174 16.58 -23.58 9.09
N SER B 175 17.28 -22.71 9.82
CA SER B 175 18.26 -23.10 10.82
C SER B 175 19.26 -24.11 10.26
N ILE B 176 19.79 -23.79 9.08
CA ILE B 176 20.71 -24.70 8.40
C ILE B 176 22.07 -24.67 9.09
N ASN B 177 22.62 -25.86 9.36
CA ASN B 177 24.01 -26.00 9.77
C ASN B 177 24.84 -26.12 8.49
N THR B 178 25.52 -25.03 8.12
CA THR B 178 26.15 -24.97 6.81
C THR B 178 27.26 -25.99 6.66
N LYS B 179 27.85 -26.46 7.77
CA LYS B 179 28.96 -27.40 7.69
C LYS B 179 28.51 -28.76 7.15
N SER B 180 27.25 -29.10 7.29
CA SER B 180 26.70 -30.34 6.75
C SER B 180 25.73 -30.07 5.61
N THR B 181 25.88 -28.95 4.93
CA THR B 181 25.00 -28.55 3.84
C THR B 181 25.79 -28.44 2.55
N ILE B 182 25.21 -28.95 1.47
CA ILE B 182 25.79 -28.87 0.14
C ILE B 182 24.74 -28.28 -0.79
N PHE B 183 25.20 -27.48 -1.75
CA PHE B 183 24.33 -26.70 -2.63
C PHE B 183 24.62 -27.11 -4.08
N ILE B 184 23.56 -27.38 -4.85
CA ILE B 184 23.67 -27.84 -6.23
C ILE B 184 23.11 -26.76 -7.14
N ASP B 185 23.97 -26.23 -8.01
CA ASP B 185 23.57 -25.17 -8.93
C ASP B 185 24.38 -25.32 -10.22
N ASP B 186 23.89 -24.69 -11.28
CA ASP B 186 24.62 -24.66 -12.54
C ASP B 186 25.45 -23.40 -12.72
N LYS B 187 25.20 -22.36 -11.93
CA LYS B 187 25.89 -21.08 -12.07
C LYS B 187 26.97 -20.96 -11.00
N SER B 188 28.13 -20.42 -11.39
CA SER B 188 29.22 -20.28 -10.43
C SER B 188 29.01 -19.13 -9.44
N GLU B 189 28.37 -18.03 -9.87
CA GLU B 189 28.07 -16.93 -8.95
C GLU B 189 27.32 -17.43 -7.73
N ASN B 190 26.33 -18.31 -7.94
CA ASN B 190 25.55 -18.81 -6.82
C ASN B 190 26.39 -19.70 -5.92
N LEU B 191 27.18 -20.61 -6.52
CA LEU B 191 27.96 -21.52 -5.70
C LEU B 191 29.06 -20.80 -4.94
N GLN B 192 29.61 -19.73 -5.52
CA GLN B 192 30.61 -18.94 -4.82
C GLN B 192 30.00 -18.27 -3.59
N GLU B 193 28.81 -17.70 -3.76
CA GLU B 193 28.13 -17.03 -2.64
C GLU B 193 27.82 -18.02 -1.53
N ALA B 194 27.25 -19.18 -1.89
CA ALA B 194 26.97 -20.20 -0.89
C ALA B 194 28.25 -20.65 -0.20
N ALA B 195 29.33 -20.82 -0.97
CA ALA B 195 30.61 -21.22 -0.40
C ALA B 195 31.12 -20.21 0.63
N ASN B 196 30.82 -18.92 0.44
CA ASN B 196 31.23 -17.90 1.41
C ASN B 196 30.51 -18.03 2.74
N PHE B 197 29.34 -18.67 2.76
CA PHE B 197 28.63 -18.97 4.00
C PHE B 197 29.02 -20.31 4.59
N GLY B 198 30.07 -20.94 4.06
CA GLY B 198 30.49 -22.24 4.55
C GLY B 198 29.71 -23.44 4.04
N ILE B 199 29.04 -23.35 2.89
CA ILE B 199 28.30 -24.47 2.32
C ILE B 199 29.07 -25.03 1.14
N SER B 200 29.22 -26.36 1.10
CA SER B 200 29.90 -27.02 0.00
C SER B 200 29.07 -26.93 -1.28
N THR B 201 29.67 -27.32 -2.38
CA THR B 201 29.11 -27.02 -3.69
C THR B 201 29.23 -28.22 -4.63
N LEU B 202 28.29 -28.28 -5.55
CA LEU B 202 28.27 -29.27 -6.62
C LEU B 202 27.78 -28.53 -7.86
N LYS B 203 28.71 -28.21 -8.75
CA LYS B 203 28.36 -27.58 -10.02
C LYS B 203 27.85 -28.66 -10.97
N TYR B 204 26.63 -28.50 -11.47
CA TYR B 204 26.06 -29.49 -12.39
C TYR B 204 26.40 -29.14 -13.83
N ASP B 207 26.75 -33.63 -18.05
CA ASP B 207 28.16 -33.74 -18.40
C ASP B 207 29.00 -33.95 -17.13
N ASN B 208 29.68 -32.89 -16.70
CA ASN B 208 30.55 -32.95 -15.53
C ASN B 208 29.81 -32.45 -14.30
N PHE B 209 30.20 -32.98 -13.14
CA PHE B 209 29.76 -32.50 -11.83
C PHE B 209 30.99 -32.11 -11.03
N GLU B 210 31.15 -30.83 -10.74
CA GLU B 210 32.31 -30.30 -10.03
C GLU B 210 31.98 -30.17 -8.55
N TYR B 211 32.64 -30.97 -7.71
CA TYR B 211 32.37 -31.01 -6.27
C TYR B 211 33.50 -30.37 -5.47
N THR B 212 33.14 -29.46 -4.57
CA THR B 212 34.08 -28.85 -3.65
C THR B 212 33.51 -28.93 -2.24
N ALA B 213 34.23 -29.58 -1.33
CA ALA B 213 33.84 -29.65 0.08
C ALA B 213 34.36 -28.41 0.81
N ILE B 214 33.44 -27.52 1.20
CA ILE B 214 33.79 -26.27 1.88
C ILE B 214 33.78 -26.49 3.38
N GLU B 215 34.75 -25.88 4.08
CA GLU B 215 34.88 -26.02 5.53
C GLU B 215 34.70 -24.73 6.31
N GLY B 216 34.69 -23.56 5.67
CA GLY B 216 34.59 -22.31 6.38
C GLY B 216 33.45 -21.40 5.99
N THR B 226 16.23 -9.93 12.17
CA THR B 226 16.59 -8.59 12.57
C THR B 226 16.07 -8.31 14.00
N PRO B 227 16.61 -7.29 14.65
CA PRO B 227 16.02 -6.85 15.93
C PRO B 227 14.68 -6.14 15.77
N GLU B 228 14.37 -5.64 14.57
CA GLU B 228 13.04 -5.08 14.33
C GLU B 228 11.96 -6.16 14.44
N ILE B 229 12.24 -7.37 13.93
CA ILE B 229 11.27 -8.46 14.06
C ILE B 229 11.05 -8.79 15.53
N HIS B 230 12.12 -8.93 16.29
CA HIS B 230 12.00 -9.26 17.71
C HIS B 230 11.23 -8.18 18.44
N LYS B 231 11.47 -6.90 18.13
CA LYS B 231 10.75 -5.85 18.82
C LYS B 231 9.25 -5.93 18.52
N LYS B 232 8.90 -6.11 17.24
CA LYS B 232 7.50 -6.21 16.85
C LYS B 232 6.82 -7.45 17.44
N ARG B 233 7.51 -8.59 17.45
CA ARG B 233 6.99 -9.78 18.12
C ARG B 233 6.76 -9.51 19.60
N THR B 234 7.75 -8.92 20.26
CA THR B 234 7.65 -8.66 21.70
C THR B 234 6.52 -7.70 22.01
N LEU B 235 6.41 -6.62 21.23
CA LEU B 235 5.30 -5.69 21.42
C LEU B 235 3.97 -6.42 21.25
N GLY B 236 3.86 -7.22 20.19
CA GLY B 236 2.59 -7.87 19.91
C GLY B 236 2.22 -8.91 20.97
N GLU B 237 3.19 -9.72 21.39
CA GLU B 237 2.93 -10.68 22.45
C GLU B 237 2.50 -9.96 23.72
N ASP B 238 3.19 -8.85 24.05
CA ASP B 238 2.81 -8.10 25.24
C ASP B 238 1.41 -7.54 25.10
N TYR B 239 1.01 -7.12 23.90
CA TYR B 239 -0.33 -6.62 23.71
C TYR B 239 -1.35 -7.74 23.86
N LEU B 240 -1.13 -8.86 23.16
CA LEU B 240 -2.10 -9.94 23.23
C LEU B 240 -2.21 -10.48 24.65
N ASN B 241 -1.07 -10.69 25.33
CA ASN B 241 -1.10 -11.25 26.67
C ASN B 241 -1.85 -10.36 27.65
N LEU B 242 -1.73 -9.03 27.50
CA LEU B 242 -2.48 -8.13 28.36
C LEU B 242 -3.99 -8.20 28.06
N ARG B 243 -4.37 -8.10 26.80
CA ARG B 243 -5.79 -8.19 26.45
C ARG B 243 -6.41 -9.49 26.96
N LEU B 244 -5.71 -10.62 26.77
CA LEU B 244 -6.34 -11.88 27.12
C LEU B 244 -6.29 -12.14 28.62
N ARG B 245 -5.30 -11.59 29.33
CA ARG B 245 -5.32 -11.69 30.79
C ARG B 245 -6.42 -10.82 31.38
N LYS B 246 -6.68 -9.66 30.79
CA LYS B 246 -7.80 -8.84 31.24
C LYS B 246 -9.13 -9.48 30.86
N PHE B 247 -9.23 -10.04 29.66
CA PHE B 247 -10.48 -10.58 29.14
C PHE B 247 -10.23 -11.96 28.54
N PRO B 248 -10.13 -13.01 29.38
CA PRO B 248 -9.90 -14.35 28.83
C PRO B 248 -11.06 -14.87 28.02
N PHE B 249 -12.28 -14.43 28.31
CA PHE B 249 -13.39 -14.61 27.39
C PHE B 249 -13.20 -13.61 26.26
N CYS B 250 -12.78 -14.09 25.09
CA CYS B 250 -12.30 -13.20 24.04
C CYS B 250 -13.39 -12.23 23.59
N LYS B 251 -13.08 -10.95 23.67
CA LYS B 251 -14.02 -9.93 23.22
C LYS B 251 -14.27 -10.04 21.73
N SER B 252 -15.39 -9.46 21.32
CA SER B 252 -15.65 -9.27 19.91
C SER B 252 -16.42 -7.97 19.74
N PHE B 253 -16.41 -7.46 18.52
CA PHE B 253 -17.16 -6.28 18.16
C PHE B 253 -17.97 -6.63 16.94
N VAL B 254 -19.05 -5.90 16.72
CA VAL B 254 -19.98 -6.21 15.64
C VAL B 254 -20.24 -4.96 14.84
N SER B 255 -20.38 -5.12 13.52
CA SER B 255 -20.61 -4.02 12.61
C SER B 255 -21.15 -4.61 11.31
N ASN B 256 -21.33 -3.77 10.31
CA ASN B 256 -21.84 -4.21 9.02
C ASN B 256 -20.75 -4.28 7.97
N ASN B 257 -19.49 -4.09 8.35
CA ASN B 257 -18.40 -4.10 7.38
C ASN B 257 -17.19 -4.84 7.94
N VAL B 258 -16.37 -5.35 7.03
CA VAL B 258 -15.28 -6.25 7.38
C VAL B 258 -14.20 -5.57 8.19
N GLU B 259 -14.11 -4.25 8.13
CA GLU B 259 -13.17 -3.54 8.99
C GLU B 259 -13.79 -3.16 10.30
N LEU B 260 -15.08 -3.44 10.48
CA LEU B 260 -15.76 -3.17 11.75
C LEU B 260 -15.60 -1.70 12.15
N ILE B 261 -15.60 -0.83 11.15
CA ILE B 261 -15.61 0.60 11.39
C ILE B 261 -16.91 0.98 12.07
N GLY B 262 -16.81 1.69 13.19
CA GLY B 262 -18.01 2.03 13.94
C GLY B 262 -18.65 0.85 14.61
N GLY B 263 -17.93 -0.25 14.76
CA GLY B 263 -18.50 -1.40 15.43
C GLY B 263 -18.71 -1.14 16.90
N GLU B 264 -19.71 -1.83 17.45
CA GLU B 264 -20.03 -1.79 18.87
C GLU B 264 -19.46 -3.01 19.58
N ASP B 265 -19.16 -2.84 20.86
CA ASP B 265 -18.67 -3.96 21.67
C ASP B 265 -19.78 -4.97 21.87
N PHE B 266 -19.51 -6.23 21.55
CA PHE B 266 -20.42 -7.35 21.80
C PHE B 266 -19.51 -8.48 22.26
N SER B 267 -19.39 -8.70 23.56
CA SER B 267 -18.44 -9.75 23.91
C SER B 267 -19.18 -10.89 24.58
N LYS B 268 -20.08 -11.53 23.86
CA LYS B 268 -20.88 -12.58 24.48
C LYS B 268 -21.08 -13.75 23.53
N GLU B 269 -20.03 -14.11 22.78
CA GLU B 269 -19.97 -15.36 22.04
C GLU B 269 -18.67 -16.08 22.38
N ILE B 270 -18.71 -17.41 22.46
CA ILE B 270 -17.56 -18.17 22.94
C ILE B 270 -16.64 -18.60 21.81
N PHE B 271 -17.08 -18.43 20.55
CA PHE B 271 -16.36 -18.96 19.38
C PHE B 271 -14.96 -18.36 19.23
N SER B 272 -14.83 -17.03 19.34
CA SER B 272 -13.51 -16.40 19.21
C SER B 272 -12.51 -17.00 20.17
N THR B 273 -12.95 -17.25 21.41
CA THR B 273 -12.05 -17.86 22.39
C THR B 273 -11.51 -19.17 21.85
N ALA B 274 -12.39 -20.00 21.27
CA ALA B 274 -11.94 -21.28 20.73
C ALA B 274 -11.07 -21.08 19.49
N VAL B 275 -11.40 -20.10 18.65
CA VAL B 275 -10.56 -19.85 17.48
C VAL B 275 -9.14 -19.51 17.91
N ILE B 276 -9.01 -18.65 18.93
CA ILE B 276 -7.66 -18.27 19.34
C ILE B 276 -6.92 -19.46 19.93
N LEU B 277 -7.61 -20.26 20.76
CA LEU B 277 -6.97 -21.43 21.36
C LEU B 277 -6.45 -22.40 20.31
N HIS B 278 -7.15 -22.54 19.17
CA HIS B 278 -6.71 -23.44 18.11
C HIS B 278 -5.63 -22.82 17.23
N SER B 279 -5.65 -21.50 17.06
CA SER B 279 -4.90 -20.86 16.00
C SER B 279 -3.55 -20.30 16.45
N TYR B 280 -3.45 -19.79 17.68
CA TYR B 280 -2.21 -19.21 18.18
C TYR B 280 -1.65 -20.19 19.21
N THR B 281 -0.60 -20.89 18.83
CA THR B 281 -0.07 -22.02 19.57
C THR B 281 1.03 -21.65 20.58
N SER B 282 1.18 -20.36 20.92
CA SER B 282 2.24 -19.94 21.83
C SER B 282 1.72 -19.14 23.01
N LEU B 283 0.46 -19.34 23.39
CA LEU B 283 -0.05 -18.66 24.57
C LEU B 283 0.66 -19.16 25.81
N PRO B 284 0.92 -18.28 26.78
CA PRO B 284 1.43 -18.73 28.08
C PRO B 284 0.41 -19.60 28.81
N ASP B 285 0.93 -20.50 29.66
CA ASP B 285 0.09 -21.51 30.30
C ASP B 285 -1.04 -20.87 31.09
N ASP B 286 -0.77 -19.75 31.78
CA ASP B 286 -1.80 -19.11 32.57
C ASP B 286 -2.98 -18.68 31.70
N ILE B 287 -2.70 -18.19 30.48
CA ILE B 287 -3.77 -17.72 29.61
C ILE B 287 -4.55 -18.90 29.01
N ILE B 288 -3.83 -19.94 28.54
CA ILE B 288 -4.50 -21.16 28.09
C ILE B 288 -5.51 -21.61 29.15
N ALA B 289 -5.09 -21.64 30.42
CA ALA B 289 -5.95 -22.09 31.51
C ALA B 289 -7.17 -21.20 31.65
N SER B 290 -6.97 -19.87 31.66
CA SER B 290 -8.10 -18.97 31.86
C SER B 290 -9.08 -19.08 30.71
N MET B 291 -8.57 -19.25 29.49
CA MET B 291 -9.47 -19.35 28.34
C MET B 291 -10.19 -20.71 28.33
N CYS B 292 -9.45 -21.78 28.60
CA CYS B 292 -10.09 -23.07 28.80
C CYS B 292 -11.20 -22.98 29.85
N HIS B 293 -10.92 -22.26 30.94
CA HIS B 293 -11.92 -22.09 32.00
C HIS B 293 -13.20 -21.47 31.46
N GLU B 294 -13.08 -20.46 30.59
CA GLU B 294 -14.27 -19.84 30.02
C GLU B 294 -15.03 -20.78 29.11
N ILE B 295 -14.33 -21.69 28.44
CA ILE B 295 -15.02 -22.66 27.61
C ILE B 295 -15.77 -23.67 28.47
N LEU B 296 -15.06 -24.32 29.41
CA LEU B 296 -15.69 -25.30 30.29
C LEU B 296 -16.88 -24.72 31.03
N ASN B 297 -16.84 -23.44 31.35
CA ASN B 297 -17.90 -22.84 32.15
C ASN B 297 -18.86 -21.99 31.33
N HIS B 298 -18.73 -22.02 30.00
CA HIS B 298 -19.69 -21.32 29.13
C HIS B 298 -21.08 -21.87 29.40
N ASP B 299 -22.07 -20.97 29.48
CA ASP B 299 -23.40 -21.44 29.83
C ASP B 299 -24.25 -21.83 28.62
N GLY B 300 -23.85 -21.44 27.40
CA GLY B 300 -24.53 -21.93 26.22
C GLY B 300 -24.10 -23.35 25.90
N GLN B 301 -24.48 -24.31 26.76
CA GLN B 301 -23.87 -25.63 26.78
C GLN B 301 -24.88 -26.65 27.27
N ASN B 302 -25.08 -27.73 26.54
CA ASN B 302 -25.93 -28.82 27.03
C ASN B 302 -25.49 -30.14 26.41
N LYS B 303 -25.04 -31.08 27.25
CA LYS B 303 -24.66 -32.42 26.81
C LYS B 303 -23.56 -32.37 25.76
N LEU B 304 -22.59 -31.48 25.96
CA LEU B 304 -21.46 -31.29 25.05
C LEU B 304 -21.88 -30.80 23.67
N ARG B 305 -23.05 -30.16 23.57
CA ARG B 305 -23.42 -29.36 22.41
C ARG B 305 -23.32 -27.89 22.80
N TRP B 306 -22.52 -27.13 22.05
CA TRP B 306 -22.26 -25.75 22.40
C TRP B 306 -23.03 -24.78 21.50
N CYS B 307 -23.45 -23.66 22.09
CA CYS B 307 -24.09 -22.59 21.35
C CYS B 307 -23.14 -21.41 21.26
N PHE B 308 -23.14 -20.75 20.08
CA PHE B 308 -22.33 -19.56 19.84
C PHE B 308 -22.45 -18.54 20.98
N TYR B 309 -23.68 -18.25 21.39
CA TYR B 309 -23.97 -17.14 22.30
C TYR B 309 -23.89 -17.57 23.75
N LYS B 310 -23.49 -16.63 24.60
CA LYS B 310 -23.86 -16.70 26.01
C LYS B 310 -25.37 -16.68 26.13
N ASN B 311 -25.89 -17.34 27.17
CA ASN B 311 -27.34 -17.40 27.37
C ASN B 311 -27.98 -16.01 27.34
N GLU B 312 -27.31 -15.02 27.95
CA GLU B 312 -27.89 -13.68 27.99
C GLU B 312 -28.06 -13.06 26.61
N ALA B 313 -27.28 -13.49 25.61
CA ALA B 313 -27.34 -12.88 24.29
C ALA B 313 -27.94 -13.78 23.22
N ARG B 314 -28.43 -14.96 23.59
CA ARG B 314 -28.94 -15.90 22.59
C ARG B 314 -30.28 -15.42 22.03
N PRO B 315 -30.38 -15.15 20.73
CA PRO B 315 -31.69 -14.85 20.16
C PRO B 315 -32.68 -15.96 20.48
N ASP B 316 -33.92 -15.58 20.77
CA ASP B 316 -34.94 -16.57 21.07
C ASP B 316 -34.96 -17.64 19.99
N ASN B 317 -34.86 -18.90 20.42
CA ASN B 317 -34.84 -20.08 19.55
C ASN B 317 -33.54 -20.23 18.74
N PHE B 318 -32.45 -19.60 19.14
CA PHE B 318 -31.26 -19.77 18.31
C PHE B 318 -30.60 -21.12 18.62
N PRO B 319 -30.37 -21.98 17.63
CA PRO B 319 -29.94 -23.34 17.92
C PRO B 319 -28.45 -23.46 18.23
N ASP B 320 -28.10 -24.61 18.80
CA ASP B 320 -26.70 -25.03 18.82
C ASP B 320 -26.22 -25.24 17.39
N ASP B 321 -24.93 -24.98 17.17
CA ASP B 321 -24.36 -25.14 15.84
C ASP B 321 -23.10 -26.01 15.92
N LEU B 322 -22.84 -26.71 14.82
CA LEU B 322 -21.76 -27.69 14.78
C LEU B 322 -20.39 -27.04 14.63
N ASP B 323 -20.32 -25.78 14.23
CA ASP B 323 -19.03 -25.12 14.14
C ASP B 323 -18.49 -24.82 15.53
N THR B 324 -19.29 -24.13 16.35
CA THR B 324 -18.91 -23.91 17.74
C THR B 324 -18.69 -25.23 18.47
N THR B 325 -19.59 -26.19 18.27
CA THR B 325 -19.48 -27.47 18.96
C THR B 325 -18.20 -28.20 18.56
N SER B 326 -17.95 -28.33 17.25
CA SER B 326 -16.77 -29.03 16.77
C SER B 326 -15.50 -28.36 17.28
N MET B 327 -15.45 -27.03 17.23
CA MET B 327 -14.24 -26.34 17.62
C MET B 327 -13.97 -26.51 19.12
N VAL B 328 -14.96 -26.32 19.99
CA VAL B 328 -14.64 -26.49 21.42
C VAL B 328 -14.34 -27.96 21.73
N LEU B 329 -15.10 -28.91 21.15
CA LEU B 329 -14.84 -30.31 21.46
C LEU B 329 -13.46 -30.72 21.01
N SER B 330 -13.03 -30.23 19.84
CA SER B 330 -11.70 -30.53 19.35
C SER B 330 -10.63 -29.95 20.27
N PHE B 331 -10.87 -28.74 20.79
CA PHE B 331 -9.91 -28.21 21.76
C PHE B 331 -9.91 -29.00 23.06
N LEU B 332 -11.09 -29.28 23.64
CA LEU B 332 -11.13 -29.97 24.93
C LEU B 332 -10.47 -31.35 24.84
N LEU B 333 -10.68 -32.06 23.72
CA LEU B 333 -10.05 -33.37 23.56
C LEU B 333 -8.54 -33.25 23.44
N ASN B 334 -8.07 -32.21 22.74
CA ASN B 334 -6.63 -32.02 22.62
C ASN B 334 -5.97 -31.73 23.96
N HIS B 335 -6.69 -31.11 24.88
CA HIS B 335 -6.12 -30.76 26.17
C HIS B 335 -6.60 -31.67 27.29
N ASN B 336 -7.12 -32.85 26.95
CA ASN B 336 -7.45 -33.91 27.92
C ASN B 336 -8.45 -33.43 28.97
N LYS B 337 -9.42 -32.64 28.54
CA LYS B 337 -10.57 -32.30 29.36
C LYS B 337 -11.77 -33.16 29.01
N LEU B 338 -11.69 -33.93 27.94
CA LEU B 338 -12.79 -34.80 27.54
C LEU B 338 -12.16 -36.03 26.94
N THR B 339 -12.94 -37.09 26.91
CA THR B 339 -12.55 -38.35 26.29
C THR B 339 -13.35 -38.56 25.02
N ILE B 340 -12.78 -39.39 24.14
CA ILE B 340 -13.47 -39.73 22.90
C ILE B 340 -14.83 -40.34 23.21
N GLU B 341 -14.89 -41.14 24.28
CA GLU B 341 -16.14 -41.75 24.71
C GLU B 341 -17.24 -40.72 24.94
N LYS B 342 -16.91 -39.59 25.57
CA LYS B 342 -17.92 -38.56 25.79
C LYS B 342 -18.26 -37.79 24.52
N ILE B 343 -17.35 -37.74 23.54
CA ILE B 343 -17.58 -36.92 22.36
C ILE B 343 -18.36 -37.69 21.30
N ILE B 344 -18.13 -39.00 21.21
CA ILE B 344 -18.65 -39.78 20.08
C ILE B 344 -20.17 -39.66 19.93
N PRO B 345 -20.98 -39.65 21.00
CA PRO B 345 -22.43 -39.46 20.80
C PRO B 345 -22.78 -38.12 20.17
N VAL B 346 -22.02 -37.06 20.47
CA VAL B 346 -22.27 -35.80 19.81
C VAL B 346 -21.93 -35.90 18.33
N ALA B 347 -20.84 -36.59 18.00
CA ALA B 347 -20.47 -36.80 16.60
C ALA B 347 -21.55 -37.56 15.81
N GLU B 348 -22.28 -38.47 16.46
CA GLU B 348 -23.35 -39.16 15.75
C GLU B 348 -24.51 -38.23 15.44
N GLN B 349 -24.85 -37.37 16.38
CA GLN B 349 -25.84 -36.34 16.09
C GLN B 349 -25.44 -35.53 14.87
N MET B 350 -24.13 -35.30 14.71
CA MET B 350 -23.66 -34.54 13.55
C MET B 350 -23.87 -35.35 12.26
N ILE B 351 -23.52 -36.63 12.29
CA ILE B 351 -23.80 -37.48 11.13
C ILE B 351 -25.31 -37.57 10.89
N ALA B 352 -26.09 -37.53 11.95
CA ALA B 352 -27.55 -37.53 11.82
C ALA B 352 -28.07 -36.25 11.20
N ASN B 353 -27.22 -35.25 10.96
CA ASN B 353 -27.64 -33.92 10.52
C ASN B 353 -27.34 -33.66 9.04
N ARG B 354 -27.32 -34.71 8.23
CA ARG B 354 -27.08 -34.55 6.79
C ARG B 354 -28.34 -34.16 6.04
N ASN B 355 -28.16 -33.37 4.98
CA ASN B 355 -29.28 -32.98 4.13
C ASN B 355 -29.49 -34.05 3.06
N GLU B 356 -30.43 -33.80 2.14
CA GLU B 356 -30.77 -34.79 1.14
C GLU B 356 -29.59 -35.10 0.21
N GLU B 357 -28.62 -34.20 0.12
CA GLU B 357 -27.44 -34.45 -0.67
C GLU B 357 -26.36 -35.21 0.11
N GLY B 358 -26.60 -35.48 1.38
CA GLY B 358 -25.64 -36.17 2.21
C GLY B 358 -24.66 -35.28 2.96
N ILE B 359 -24.85 -33.97 2.94
CA ILE B 359 -23.88 -33.05 3.54
C ILE B 359 -24.29 -32.76 4.97
N ILE B 360 -23.34 -32.87 5.90
CA ILE B 360 -23.62 -32.46 7.27
C ILE B 360 -23.90 -30.96 7.30
N GLN B 361 -24.97 -30.57 8.01
CA GLN B 361 -25.46 -29.21 8.04
C GLN B 361 -24.91 -28.44 9.24
N VAL B 362 -25.29 -27.16 9.31
CA VAL B 362 -24.63 -26.20 10.19
C VAL B 362 -25.23 -26.20 11.58
N TYR B 363 -26.56 -26.30 11.68
CA TYR B 363 -27.27 -26.17 12.95
C TYR B 363 -27.90 -27.48 13.37
N PHE B 364 -27.96 -27.69 14.69
CA PHE B 364 -28.79 -28.75 15.26
C PHE B 364 -30.24 -28.28 15.28
N ASP B 365 -30.82 -28.17 14.09
CA ASP B 365 -32.18 -27.66 13.95
C ASP B 365 -32.68 -28.04 12.58
N ASP B 366 -33.63 -28.97 12.53
CA ASP B 366 -34.15 -29.44 11.25
C ASP B 366 -34.83 -28.34 10.46
N ASN B 367 -35.35 -27.32 11.13
CA ASN B 367 -36.05 -26.24 10.44
C ASN B 367 -35.14 -25.07 10.11
N ARG B 368 -33.82 -25.19 10.27
CA ARG B 368 -32.87 -24.16 9.85
C ARG B 368 -31.73 -24.82 9.09
N PRO B 369 -32.02 -25.40 7.92
CA PRO B 369 -30.99 -26.15 7.19
C PRO B 369 -30.05 -25.23 6.41
N ARG B 370 -28.76 -25.32 6.73
CA ARG B 370 -27.71 -24.59 6.04
C ARG B 370 -26.50 -25.51 5.86
N ILE B 371 -25.64 -25.15 4.90
CA ILE B 371 -24.33 -25.77 4.81
C ILE B 371 -23.27 -24.69 4.66
N ASP B 372 -22.02 -25.09 4.91
CA ASP B 372 -20.88 -24.18 4.87
C ASP B 372 -19.60 -24.99 4.81
N ALA B 373 -18.75 -24.70 3.82
CA ALA B 373 -17.55 -25.52 3.61
C ALA B 373 -16.62 -25.50 4.81
N ILE B 374 -16.53 -24.37 5.53
CA ILE B 374 -15.63 -24.31 6.66
C ILE B 374 -16.21 -25.05 7.87
N VAL B 375 -17.53 -24.97 8.09
CA VAL B 375 -18.14 -25.76 9.15
C VAL B 375 -18.00 -27.25 8.84
N ALA B 376 -18.16 -27.62 7.57
CA ALA B 376 -17.86 -28.97 7.12
C ALA B 376 -16.44 -29.37 7.50
N ILE B 377 -15.45 -28.51 7.22
CA ILE B 377 -14.06 -28.80 7.54
C ILE B 377 -13.89 -29.06 9.04
N ASN B 378 -14.45 -28.18 9.88
CA ASN B 378 -14.21 -28.31 11.32
C ASN B 378 -14.94 -29.52 11.90
N VAL B 379 -16.09 -29.88 11.35
CA VAL B 379 -16.72 -31.16 11.68
C VAL B 379 -15.80 -32.32 11.30
N LEU B 380 -15.34 -32.34 10.04
CA LEU B 380 -14.45 -33.41 9.60
C LEU B 380 -13.21 -33.52 10.48
N TYR B 381 -12.69 -32.39 10.98
CA TYR B 381 -11.53 -32.43 11.85
C TYR B 381 -11.82 -33.25 13.11
N LEU B 382 -12.93 -32.95 13.78
CA LEU B 382 -13.33 -33.72 14.95
C LEU B 382 -13.54 -35.19 14.60
N MET B 383 -14.16 -35.46 13.46
CA MET B 383 -14.42 -36.84 13.06
C MET B 383 -13.13 -37.65 13.00
N HIS B 384 -12.11 -37.12 12.31
CA HIS B 384 -10.86 -37.86 12.21
C HIS B 384 -10.14 -37.94 13.54
N GLN B 385 -10.31 -36.93 14.40
CA GLN B 385 -9.73 -36.96 15.73
C GLN B 385 -10.24 -38.13 16.57
N ILE B 386 -11.51 -38.48 16.43
CA ILE B 386 -12.15 -39.37 17.39
C ILE B 386 -12.26 -40.81 16.90
N GLY B 387 -11.86 -41.09 15.67
CA GLY B 387 -11.96 -42.43 15.12
C GLY B 387 -13.01 -42.60 14.05
N TYR B 388 -13.81 -41.58 13.77
CA TYR B 388 -14.85 -41.62 12.75
C TYR B 388 -14.34 -41.43 11.33
N GLY B 389 -13.02 -41.34 11.15
CA GLY B 389 -12.48 -40.88 9.89
C GLY B 389 -12.91 -41.68 8.69
N GLU B 390 -13.29 -42.94 8.89
CA GLU B 390 -13.65 -43.81 7.78
C GLU B 390 -15.13 -44.15 7.75
N ARG B 391 -15.97 -43.38 8.41
CA ARG B 391 -17.41 -43.57 8.30
C ARG B 391 -17.90 -43.11 6.92
N LYS B 392 -18.66 -44.00 6.26
CA LYS B 392 -19.13 -43.73 4.90
C LYS B 392 -20.04 -42.52 4.85
N GLU B 393 -20.73 -42.23 5.94
CA GLU B 393 -21.68 -41.13 5.97
C GLU B 393 -21.00 -39.77 5.89
N LEU B 394 -19.67 -39.71 5.98
CA LEU B 394 -18.94 -38.46 5.79
C LEU B 394 -18.53 -38.21 4.34
N LYS B 395 -18.75 -39.16 3.43
CA LYS B 395 -18.18 -39.06 2.08
C LYS B 395 -18.66 -37.82 1.35
N GLU B 396 -19.94 -37.49 1.46
CA GLU B 396 -20.45 -36.32 0.73
C GLU B 396 -20.00 -35.02 1.37
N THR B 397 -19.80 -35.01 2.69
CA THR B 397 -19.26 -33.81 3.31
C THR B 397 -17.84 -33.55 2.82
N GLU B 398 -17.01 -34.60 2.71
CA GLU B 398 -15.66 -34.43 2.20
C GLU B 398 -15.66 -34.05 0.72
N ALA B 399 -16.55 -34.67 -0.07
CA ALA B 399 -16.66 -34.33 -1.48
C ALA B 399 -17.03 -32.87 -1.66
N PHE B 400 -17.95 -32.38 -0.85
CA PHE B 400 -18.36 -30.98 -0.88
C PHE B 400 -17.17 -30.04 -0.63
N VAL B 401 -16.38 -30.33 0.41
CA VAL B 401 -15.23 -29.49 0.72
C VAL B 401 -14.22 -29.53 -0.42
N PHE B 402 -13.92 -30.72 -0.92
CA PHE B 402 -12.94 -30.86 -1.99
C PHE B 402 -13.40 -30.11 -3.25
N ASP B 403 -14.69 -30.22 -3.57
CA ASP B 403 -15.21 -29.55 -4.75
C ASP B 403 -15.15 -28.04 -4.59
N PHE B 404 -15.50 -27.54 -3.40
CA PHE B 404 -15.42 -26.12 -3.12
C PHE B 404 -14.01 -25.59 -3.38
N LEU B 405 -13.00 -26.37 -3.00
CA LEU B 405 -11.63 -26.00 -3.33
C LEU B 405 -11.45 -25.97 -4.83
N ILE B 406 -11.70 -27.11 -5.45
CA ILE B 406 -11.20 -27.43 -6.78
C ILE B 406 -11.92 -26.67 -7.87
N SER B 407 -13.20 -26.36 -7.67
CA SER B 407 -13.98 -25.54 -8.58
C SER B 407 -13.67 -24.05 -8.47
N LYS B 408 -12.80 -23.64 -7.54
CA LYS B 408 -12.51 -22.25 -7.21
C LYS B 408 -13.77 -21.51 -6.72
N GLU B 409 -14.80 -22.26 -6.33
CA GLU B 409 -15.98 -21.66 -5.72
C GLU B 409 -15.63 -20.95 -4.41
N TYR B 410 -14.54 -21.37 -3.74
CA TYR B 410 -14.13 -20.70 -2.50
C TYR B 410 -13.78 -19.23 -2.73
N LEU B 411 -13.49 -18.82 -3.97
CA LEU B 411 -13.26 -17.41 -4.22
C LEU B 411 -14.49 -16.56 -3.93
N LYS B 412 -15.66 -17.17 -3.81
CA LYS B 412 -16.87 -16.44 -3.43
C LYS B 412 -17.07 -16.38 -1.93
N GLY B 413 -16.10 -16.87 -1.15
CA GLY B 413 -16.28 -17.05 0.29
C GLY B 413 -17.32 -18.11 0.63
N THR B 414 -17.50 -18.40 1.92
CA THR B 414 -18.56 -19.28 2.38
C THR B 414 -19.70 -18.44 2.97
N ARG B 415 -20.76 -19.12 3.40
CA ARG B 415 -21.90 -18.42 3.97
C ARG B 415 -21.52 -17.55 5.17
N TYR B 416 -20.69 -18.07 6.06
CA TYR B 416 -20.35 -17.31 7.26
C TYR B 416 -18.97 -16.69 7.20
N TYR B 417 -18.13 -17.11 6.25
CA TYR B 417 -16.76 -16.61 6.13
C TYR B 417 -16.56 -16.07 4.72
N PRO B 418 -16.71 -14.77 4.50
CA PRO B 418 -16.65 -14.25 3.12
C PRO B 418 -15.26 -14.21 2.51
N ALA B 419 -14.19 -14.21 3.32
CA ALA B 419 -12.83 -14.05 2.79
C ALA B 419 -12.28 -15.39 2.33
N PRO B 420 -11.93 -15.54 1.04
CA PRO B 420 -11.46 -16.84 0.53
C PRO B 420 -10.28 -17.45 1.28
N ASP B 421 -9.35 -16.64 1.81
CA ASP B 421 -8.18 -17.24 2.45
C ASP B 421 -8.53 -17.94 3.76
N VAL B 422 -9.68 -17.62 4.36
CA VAL B 422 -10.11 -18.31 5.58
C VAL B 422 -10.41 -19.77 5.29
N PHE B 423 -11.15 -20.04 4.20
CA PHE B 423 -11.39 -21.42 3.77
C PHE B 423 -10.08 -22.15 3.53
N LEU B 424 -9.12 -21.51 2.86
CA LEU B 424 -7.85 -22.19 2.58
C LEU B 424 -7.10 -22.48 3.87
N PHE B 425 -7.09 -21.53 4.81
CA PHE B 425 -6.37 -21.72 6.06
C PHE B 425 -6.94 -22.91 6.84
N PHE B 426 -8.26 -22.92 7.07
CA PHE B 426 -8.87 -24.01 7.84
C PHE B 426 -8.68 -25.34 7.13
N LEU B 427 -8.81 -25.36 5.80
CA LEU B 427 -8.53 -26.59 5.07
C LEU B 427 -7.10 -27.06 5.32
N SER B 428 -6.14 -26.14 5.37
CA SER B 428 -4.76 -26.56 5.58
C SER B 428 -4.56 -27.18 6.96
N ARG B 429 -5.35 -26.77 7.95
CA ARG B 429 -5.25 -27.38 9.27
C ARG B 429 -5.68 -28.85 9.23
N LEU B 430 -6.82 -29.14 8.59
CA LEU B 430 -7.27 -30.51 8.47
C LEU B 430 -6.32 -31.35 7.62
N VAL B 431 -5.82 -30.77 6.53
CA VAL B 431 -5.06 -31.52 5.55
C VAL B 431 -3.66 -31.83 6.06
N VAL B 432 -3.06 -30.89 6.78
CA VAL B 432 -1.73 -31.11 7.31
C VAL B 432 -1.78 -31.94 8.59
N ASP B 433 -2.85 -31.86 9.37
CA ASP B 433 -2.89 -32.65 10.59
C ASP B 433 -3.30 -34.10 10.36
N PHE B 434 -4.00 -34.41 9.26
CA PHE B 434 -4.37 -35.78 8.90
C PHE B 434 -3.90 -36.06 7.49
N PRO B 435 -2.58 -36.09 7.27
CA PRO B 435 -2.07 -36.06 5.89
C PRO B 435 -2.33 -37.33 5.10
N ASP B 436 -2.28 -38.51 5.72
CA ASP B 436 -2.62 -39.72 4.96
C ASP B 436 -4.08 -39.71 4.53
N GLN B 437 -4.97 -39.20 5.39
CA GLN B 437 -6.39 -39.25 5.07
C GLN B 437 -6.76 -38.23 4.01
N PHE B 438 -5.92 -37.21 3.78
CA PHE B 438 -6.28 -36.08 2.93
C PHE B 438 -5.21 -35.85 1.87
N GLU B 439 -4.52 -36.92 1.49
CA GLU B 439 -3.42 -36.82 0.53
C GLU B 439 -3.82 -36.05 -0.72
N LYS B 440 -4.96 -36.40 -1.31
CA LYS B 440 -5.31 -35.78 -2.60
C LYS B 440 -5.58 -34.29 -2.48
N PHE B 441 -5.72 -33.75 -1.26
CA PHE B 441 -5.97 -32.32 -1.10
C PHE B 441 -4.70 -31.48 -1.18
N HIS B 442 -3.54 -32.07 -0.86
CA HIS B 442 -2.35 -31.26 -0.57
C HIS B 442 -1.96 -30.42 -1.79
N LYS B 443 -1.71 -31.08 -2.92
CA LYS B 443 -1.29 -30.35 -4.12
C LYS B 443 -2.33 -29.33 -4.57
N PRO B 444 -3.63 -29.65 -4.69
CA PRO B 444 -4.58 -28.60 -5.15
C PRO B 444 -4.67 -27.45 -4.18
N LEU B 445 -4.65 -27.72 -2.88
CA LEU B 445 -4.66 -26.65 -1.88
C LEU B 445 -3.45 -25.74 -2.03
N THR B 446 -2.27 -26.35 -2.18
CA THR B 446 -1.04 -25.57 -2.28
C THR B 446 -1.05 -24.71 -3.55
N GLU B 447 -1.51 -25.27 -4.67
CA GLU B 447 -1.68 -24.51 -5.90
C GLU B 447 -2.48 -23.23 -5.65
N MET B 448 -3.65 -23.36 -5.02
CA MET B 448 -4.51 -22.20 -4.81
C MET B 448 -3.82 -21.16 -3.93
N LEU B 449 -3.19 -21.61 -2.85
CA LEU B 449 -2.53 -20.67 -1.95
C LEU B 449 -1.41 -19.92 -2.66
N ILE B 450 -0.64 -20.62 -3.50
CA ILE B 450 0.46 -19.97 -4.21
C ILE B 450 -0.05 -18.79 -5.03
N THR B 451 -1.14 -18.99 -5.77
CA THR B 451 -1.68 -17.91 -6.59
C THR B 451 -2.17 -16.73 -5.75
N ARG B 452 -2.45 -16.93 -4.47
CA ARG B 452 -3.05 -15.87 -3.67
C ARG B 452 -2.05 -15.09 -2.82
N VAL B 453 -0.76 -15.41 -2.92
CA VAL B 453 0.26 -14.66 -2.20
C VAL B 453 0.16 -13.18 -2.52
N ASN B 454 0.10 -12.34 -1.48
CA ASN B 454 0.12 -10.88 -1.64
C ASN B 454 -1.06 -10.37 -2.47
N CYS B 455 -2.19 -11.10 -2.47
CA CYS B 455 -3.37 -10.71 -3.26
C CYS B 455 -4.34 -9.80 -2.50
N SER B 456 -4.09 -9.54 -1.22
CA SER B 456 -4.99 -8.69 -0.45
C SER B 456 -4.17 -8.01 0.64
N THR B 457 -4.72 -6.92 1.19
CA THR B 457 -3.96 -6.10 2.11
C THR B 457 -4.39 -6.26 3.57
N PHE B 458 -5.53 -6.88 3.84
CA PHE B 458 -5.98 -7.10 5.22
C PHE B 458 -4.97 -7.92 6.02
N PRO B 459 -4.47 -7.42 7.15
CA PRO B 459 -3.43 -8.14 7.90
C PRO B 459 -3.79 -9.57 8.26
N LEU B 460 -5.01 -9.80 8.75
CA LEU B 460 -5.39 -11.15 9.13
C LEU B 460 -5.34 -12.09 7.93
N GLU B 461 -5.74 -11.60 6.74
CA GLU B 461 -5.67 -12.42 5.55
C GLU B 461 -4.23 -12.73 5.16
N ARG B 462 -3.33 -11.74 5.30
CA ARG B 462 -1.91 -12.02 5.11
C ARG B 462 -1.43 -13.13 6.06
N ALA B 463 -1.87 -13.07 7.32
CA ALA B 463 -1.43 -14.05 8.31
C ALA B 463 -1.85 -15.46 7.93
N LEU B 464 -3.11 -15.64 7.55
CA LEU B 464 -3.61 -16.96 7.14
C LEU B 464 -2.80 -17.52 5.99
N ARG B 465 -2.52 -16.71 4.97
CA ARG B 465 -1.73 -17.19 3.84
C ARG B 465 -0.33 -17.58 4.29
N ILE B 466 0.29 -16.78 5.16
CA ILE B 466 1.61 -17.14 5.66
C ILE B 466 1.56 -18.50 6.36
N ILE B 467 0.63 -18.65 7.33
CA ILE B 467 0.58 -19.87 8.12
C ILE B 467 0.29 -21.08 7.23
N ALA B 468 -0.72 -20.98 6.38
CA ALA B 468 -1.12 -22.11 5.54
C ALA B 468 0.00 -22.53 4.59
N LEU B 469 0.65 -21.56 3.94
CA LEU B 469 1.70 -21.93 3.00
C LEU B 469 2.87 -22.57 3.73
N LYS B 470 3.23 -22.06 4.90
CA LYS B 470 4.35 -22.61 5.62
C LYS B 470 4.05 -24.03 6.11
N LYS B 471 2.81 -24.28 6.54
CA LYS B 471 2.43 -25.65 6.90
C LYS B 471 2.57 -26.59 5.71
N LEU B 472 2.36 -26.08 4.50
CA LEU B 472 2.56 -26.84 3.27
C LEU B 472 3.99 -26.79 2.75
N GLY B 473 4.91 -26.19 3.49
CA GLY B 473 6.30 -26.21 3.11
C GLY B 473 6.73 -25.12 2.16
N ILE B 474 5.98 -24.03 2.05
CA ILE B 474 6.32 -22.91 1.18
C ILE B 474 6.45 -21.67 2.04
N VAL B 475 7.56 -20.93 1.86
CA VAL B 475 7.87 -19.77 2.69
C VAL B 475 7.38 -18.50 2.00
N ASN B 476 6.42 -17.83 2.60
CA ASN B 476 5.77 -16.63 2.07
C ASN B 476 6.29 -15.41 2.84
N ARG B 477 7.50 -14.96 2.47
CA ARG B 477 8.09 -13.82 3.15
C ARG B 477 7.38 -12.51 2.79
N VAL B 478 6.86 -12.39 1.56
CA VAL B 478 6.23 -11.15 1.12
C VAL B 478 5.11 -10.74 2.07
N ASP B 479 4.08 -11.60 2.19
CA ASP B 479 2.99 -11.29 3.11
C ASP B 479 3.51 -11.06 4.52
N PHE B 480 4.58 -11.78 4.90
CA PHE B 480 5.19 -11.59 6.22
C PHE B 480 5.70 -10.16 6.39
N LEU B 481 6.39 -9.64 5.38
CA LEU B 481 6.93 -8.29 5.49
C LEU B 481 5.81 -7.26 5.59
N LYS B 482 4.76 -7.42 4.78
CA LYS B 482 3.65 -6.47 4.81
C LYS B 482 2.81 -6.61 6.07
N LEU B 483 2.78 -7.81 6.65
CA LEU B 483 2.09 -8.00 7.92
C LEU B 483 2.75 -7.15 9.00
N LEU B 484 4.09 -7.16 9.05
CA LEU B 484 4.81 -6.37 10.04
C LEU B 484 4.48 -4.89 9.92
N ASP B 485 4.37 -4.38 8.69
CA ASP B 485 4.12 -2.96 8.48
C ASP B 485 2.77 -2.50 9.00
N THR B 486 1.84 -3.40 9.28
CA THR B 486 0.51 -2.97 9.68
C THR B 486 0.24 -3.16 11.17
N GLN B 487 1.23 -3.61 11.93
CA GLN B 487 1.11 -3.55 13.38
C GLN B 487 0.91 -2.11 13.84
N LEU B 488 -0.03 -1.88 14.74
CA LEU B 488 -0.21 -0.57 15.33
C LEU B 488 0.79 -0.36 16.48
N ALA B 489 0.82 0.89 16.99
CA ALA B 489 1.91 1.29 17.87
C ALA B 489 1.80 0.67 19.26
N ASP B 490 0.58 0.33 19.71
CA ASP B 490 0.45 -0.40 20.97
C ASP B 490 0.79 -1.88 20.85
N GLY B 491 1.12 -2.36 19.65
CA GLY B 491 1.50 -3.75 19.44
C GLY B 491 0.40 -4.64 18.89
N GLY B 492 -0.84 -4.16 18.82
CA GLY B 492 -1.93 -4.95 18.30
C GLY B 492 -2.20 -4.60 16.84
N TRP B 493 -2.69 -5.57 16.08
CA TRP B 493 -3.12 -5.34 14.72
C TRP B 493 -4.56 -4.86 14.72
N PRO B 494 -5.08 -4.40 13.58
CA PRO B 494 -6.44 -3.85 13.56
C PRO B 494 -7.49 -4.94 13.64
N VAL B 495 -8.68 -4.54 14.10
CA VAL B 495 -9.82 -5.44 14.11
C VAL B 495 -10.14 -5.88 12.67
N TYR B 496 -10.65 -7.11 12.55
CA TYR B 496 -11.02 -7.68 11.27
C TYR B 496 -12.24 -8.56 11.46
N GLY B 497 -13.17 -8.49 10.50
CA GLY B 497 -14.39 -9.26 10.58
C GLY B 497 -14.22 -10.68 10.06
N LEU B 498 -13.89 -11.60 10.96
CA LEU B 498 -13.57 -12.96 10.56
C LEU B 498 -14.81 -13.72 10.08
N PHE B 499 -15.95 -13.52 10.71
CA PHE B 499 -17.13 -14.25 10.33
C PHE B 499 -18.36 -13.37 10.48
N ILE B 500 -19.48 -13.92 10.00
CA ILE B 500 -20.67 -13.17 9.66
C ILE B 500 -21.90 -13.91 10.15
N ALA B 501 -22.83 -13.15 10.74
CA ALA B 501 -24.20 -13.63 10.86
C ALA B 501 -24.96 -13.15 9.63
N PRO B 502 -25.20 -14.01 8.65
CA PRO B 502 -25.78 -13.54 7.37
C PRO B 502 -27.17 -12.96 7.51
N ARG B 503 -28.02 -13.54 8.36
CA ARG B 503 -29.40 -13.05 8.47
C ARG B 503 -29.43 -11.56 8.82
N SER B 504 -28.45 -11.08 9.57
CA SER B 504 -28.37 -9.68 9.96
C SER B 504 -27.17 -8.95 9.35
N ASN B 505 -26.45 -9.61 8.43
CA ASN B 505 -25.21 -9.10 7.84
C ASN B 505 -24.28 -8.46 8.89
N THR B 506 -24.13 -9.15 10.00
CA THR B 506 -23.30 -8.67 11.10
C THR B 506 -21.92 -9.33 11.04
N TYR B 507 -20.87 -8.52 10.98
CA TYR B 507 -19.50 -9.00 11.08
C TYR B 507 -19.08 -9.03 12.54
N PHE B 508 -18.37 -10.09 12.92
CA PHE B 508 -17.75 -10.21 14.24
C PHE B 508 -16.23 -10.18 14.11
N GLY B 509 -15.57 -9.60 15.10
CA GLY B 509 -14.12 -9.67 15.08
C GLY B 509 -13.54 -8.90 16.23
N SER B 510 -12.23 -8.98 16.36
CA SER B 510 -11.58 -8.37 17.51
C SER B 510 -10.12 -8.13 17.16
N ARG B 511 -9.51 -7.18 17.87
CA ARG B 511 -8.07 -7.01 17.77
C ARG B 511 -7.35 -8.26 18.27
N GLU B 512 -7.90 -8.91 19.30
CA GLU B 512 -7.30 -10.14 19.81
C GLU B 512 -7.18 -11.18 18.71
N LEU B 513 -8.26 -11.39 17.93
CA LEU B 513 -8.23 -12.37 16.85
C LEU B 513 -7.15 -12.03 15.83
N SER B 514 -7.18 -10.80 15.33
CA SER B 514 -6.18 -10.36 14.35
C SER B 514 -4.77 -10.56 14.89
N THR B 515 -4.52 -10.07 16.11
CA THR B 515 -3.16 -10.15 16.67
C THR B 515 -2.75 -11.61 16.87
N ALA B 516 -3.69 -12.45 17.31
CA ALA B 516 -3.35 -13.86 17.49
C ALA B 516 -2.91 -14.50 16.18
N PHE B 517 -3.61 -14.22 15.08
CA PHE B 517 -3.20 -14.78 13.80
C PHE B 517 -1.87 -14.20 13.33
N ALA B 518 -1.69 -12.88 13.44
CA ALA B 518 -0.43 -12.29 13.02
C ALA B 518 0.74 -12.84 13.82
N LEU B 519 0.55 -13.05 15.14
CA LEU B 519 1.64 -13.58 15.94
C LEU B 519 1.98 -15.01 15.51
N GLU B 520 0.96 -15.83 15.23
CA GLU B 520 1.24 -17.17 14.70
C GLU B 520 2.04 -17.07 13.41
N ALA B 521 1.66 -16.13 12.53
CA ALA B 521 2.39 -15.95 11.29
C ALA B 521 3.84 -15.55 11.56
N LEU B 522 4.06 -14.60 12.47
CA LEU B 522 5.42 -14.17 12.77
C LEU B 522 6.24 -15.32 13.36
N HIS B 523 5.68 -16.02 14.35
CA HIS B 523 6.39 -17.13 14.96
C HIS B 523 6.70 -18.22 13.95
N ILE B 524 5.75 -18.51 13.05
CA ILE B 524 5.91 -19.68 12.20
C ILE B 524 6.98 -19.44 11.16
N LEU B 525 7.29 -18.18 10.86
CA LEU B 525 8.33 -17.82 9.90
C LEU B 525 9.56 -17.22 10.57
N SER B 526 9.64 -17.25 11.90
CA SER B 526 10.76 -16.63 12.61
C SER B 526 11.14 -17.39 13.87
P PO4 C . -14.22 15.56 -29.30
O1 PO4 C . -14.51 16.40 -28.09
O2 PO4 C . -14.89 16.15 -30.50
O3 PO4 C . -12.74 15.50 -29.57
O4 PO4 C . -14.68 14.15 -28.98
C1 GOL D . 12.98 23.79 -19.93
O1 GOL D . 12.11 23.52 -21.00
C2 GOL D . 12.67 22.73 -18.91
O2 GOL D . 11.38 23.03 -18.44
C3 GOL D . 12.69 21.37 -19.62
O3 GOL D . 13.62 20.56 -18.95
C1 GOL E . -8.28 9.15 -10.38
O1 GOL E . -7.49 9.73 -9.37
C2 GOL E . -7.66 7.79 -10.71
O2 GOL E . -7.96 6.83 -9.72
C3 GOL E . -7.99 7.30 -12.12
O3 GOL E . -8.52 8.40 -12.80
N BTM F . -6.55 17.04 -26.23
C1 BTM F . -7.10 15.62 -26.13
C2 BTM F . -5.32 17.08 -27.06
C3 BTM F . -4.38 18.24 -26.66
C4 BTM F . -6.22 17.50 -24.86
C5 BTM F . -5.59 16.37 -23.99
C6 BTM F . -7.57 17.97 -26.73
C7 BTM F . -7.55 18.09 -28.28
C8 BTM F . -7.53 14.85 -27.45
C9 BTM F . -6.61 14.05 -28.13
C10 BTM F . -7.00 13.35 -29.29
C11 BTM F . -8.30 13.44 -29.76
C12 BTM F . -9.22 14.22 -29.07
C13 BTM F . -8.84 14.91 -27.92
C1 GOL G . -7.62 8.15 -35.26
O1 GOL G . -8.72 8.46 -34.44
C2 GOL G . -6.33 8.44 -34.50
O2 GOL G . -6.46 8.08 -33.13
C3 GOL G . -5.21 7.63 -35.08
O3 GOL G . -5.13 7.99 -36.43
C1 GOL H . 6.89 23.98 -13.37
O1 GOL H . 5.53 24.07 -13.64
C2 GOL H . 7.16 22.53 -13.00
O2 GOL H . 7.16 22.43 -11.61
C3 GOL H . 6.06 21.61 -13.52
O3 GOL H . 6.12 20.45 -12.75
MG MG I . 1.77 22.15 20.73
N BTM J . -21.13 -19.14 13.04
C1 BTM J . -21.67 -17.82 12.51
C2 BTM J . -21.87 -20.25 12.43
C3 BTM J . -23.15 -20.54 13.21
C4 BTM J . -21.17 -19.30 14.52
C5 BTM J . -20.03 -20.26 15.00
C6 BTM J . -19.70 -19.13 12.67
C7 BTM J . -19.43 -19.85 11.34
C8 BTM J . -22.97 -17.16 13.14
C9 BTM J . -22.90 -16.43 14.33
C10 BTM J . -24.06 -15.86 14.86
C11 BTM J . -25.29 -16.00 14.21
C12 BTM J . -25.37 -16.70 13.02
C13 BTM J . -24.20 -17.29 12.48
P PO4 K . -28.38 -18.45 8.91
O1 PO4 K . -27.85 -18.04 10.25
O2 PO4 K . -29.65 -19.27 9.09
O3 PO4 K . -28.66 -17.22 8.07
O4 PO4 K . -27.35 -19.29 8.18
C1 GOL L . 12.42 -8.40 -31.67
O1 GOL L . 11.22 -7.89 -32.22
C2 GOL L . 12.12 -9.24 -30.43
O2 GOL L . 12.18 -10.61 -30.76
C3 GOL L . 13.10 -8.99 -29.28
O3 GOL L . 12.48 -9.37 -28.08
C1 PEG M . -28.48 -14.47 13.55
O1 PEG M . -29.77 -14.90 13.30
C2 PEG M . -28.49 -13.77 14.92
O2 PEG M . -28.05 -12.44 14.73
C3 PEG M . -27.80 -11.73 15.92
C4 PEG M . -26.60 -10.81 15.68
O4 PEG M . -25.82 -10.85 16.84
MG MG N . 19.54 -22.45 -12.34
#